data_2AE7
#
_entry.id   2AE7
#
_cell.length_a   106.982
_cell.length_b   195.172
_cell.length_c   143.919
_cell.angle_alpha   90.00
_cell.angle_beta   90.00
_cell.angle_gamma   90.00
#
_symmetry.space_group_name_H-M   'C 2 2 21'
#
loop_
_entity.id
_entity.type
_entity.pdbx_description
1 polymer 'Beta-1,4-galactosyltransferase 1'
2 branched 2-acetamido-2-deoxy-beta-D-glucopyranose-(1-2)-alpha-D-mannopyranose
3 branched 2-acetamido-2-deoxy-beta-D-glucopyranose-(1-2)-alpha-D-mannopyranose-(1-6)-alpha-D-mannopyranose
4 non-polymer 'MANGANESE (II) ION'
5 non-polymer 'SULFATE ION'
6 non-polymer "6-AMINOHEXYL-URIDINE-C1,5'-DIPHOSPHATE"
7 non-polymer GLYCEROL
8 non-polymer '1,4-DIETHYLENE DIOXIDE'
9 water water
#
_entity_poly.entity_id   1
_entity_poly.type   'polypeptide(L)'
_entity_poly.pdbx_seq_one_letter_code
;ASMTGGQQMGRGSASLPACPEESPLLVGPMLIEFNMPVDLELVAKQNPNVKMGGRYAPRDCVSPHKVAIIIPFRNRQEHL
KYWLYYLHPVLQRQQLDYGIYVINQAGDTIFNRAKLLNVGFQEALKDYDYTCFVFSDVDLIPMNDHNAYRCFSQPRHISV
AMDKFGFSLPYVQYFGGVSALSKQQFLTINGFPNNYWGWGGEDDDIFNRLVFRGMSISRPNAVVGTTRHIRHSRDKKNEP
NPQRFDRIAHTKETMLSDGLNSLTYQVLDVQRYPLYTQITVDIGTPS
;
_entity_poly.pdbx_strand_id   A,B,C
#
loop_
_chem_comp.id
_chem_comp.type
_chem_comp.name
_chem_comp.formula
DIO non-polymer '1,4-DIETHYLENE DIOXIDE' 'C4 H8 O2'
GOL non-polymer GLYCEROL 'C3 H8 O3'
MAN D-saccharide, alpha linking alpha-D-mannopyranose 'C6 H12 O6'
MN non-polymer 'MANGANESE (II) ION' 'Mn 2'
NAG D-saccharide, beta linking 2-acetamido-2-deoxy-beta-D-glucopyranose 'C8 H15 N O6'
SO4 non-polymer 'SULFATE ION' 'O4 S -2'
UDH non-polymer 6-AMINOHEXYL-URIDINE-C1,5'-DIPHOSPHATE 'C15 H27 N3 O12 P2'
#
# COMPACT_ATOMS: atom_id res chain seq x y z
N LEU A 16 24.48 -55.26 -1.30
CA LEU A 16 25.68 -54.37 -1.43
C LEU A 16 26.01 -53.65 -0.14
N PRO A 17 27.30 -53.58 0.18
CA PRO A 17 27.67 -52.89 1.42
C PRO A 17 27.60 -51.39 1.14
N ALA A 18 27.68 -50.60 2.17
CA ALA A 18 27.67 -49.15 2.00
C ALA A 18 29.04 -48.79 1.46
N CYS A 19 29.09 -47.75 0.63
CA CYS A 19 30.36 -47.29 0.10
C CYS A 19 31.16 -46.72 1.26
N PRO A 20 32.49 -46.65 1.14
CA PRO A 20 33.20 -46.07 2.28
C PRO A 20 32.82 -44.59 2.40
N GLU A 21 32.98 -44.03 3.60
CA GLU A 21 32.65 -42.65 3.91
C GLU A 21 33.26 -41.67 2.91
N GLU A 22 34.54 -41.84 2.62
CA GLU A 22 35.18 -41.01 1.62
C GLU A 22 35.56 -41.97 0.52
N SER A 23 35.38 -41.56 -0.72
CA SER A 23 35.71 -42.43 -1.84
C SER A 23 37.21 -42.67 -2.00
N PRO A 24 37.61 -43.94 -2.23
CA PRO A 24 39.04 -44.21 -2.40
C PRO A 24 39.49 -44.02 -3.84
N LEU A 25 38.55 -43.65 -4.72
CA LEU A 25 38.83 -43.49 -6.13
C LEU A 25 39.35 -42.11 -6.54
N LEU A 26 39.26 -41.14 -5.65
CA LEU A 26 39.67 -39.77 -5.96
C LEU A 26 41.16 -39.59 -6.28
N VAL A 27 41.47 -38.72 -7.23
CA VAL A 27 42.86 -38.45 -7.62
C VAL A 27 43.29 -37.01 -7.34
N GLY A 28 42.41 -36.23 -6.72
CA GLY A 28 42.74 -34.85 -6.41
C GLY A 28 42.73 -33.83 -7.54
N PRO A 29 43.79 -33.00 -7.62
CA PRO A 29 43.99 -31.95 -8.62
C PRO A 29 43.88 -32.47 -10.05
N MET A 30 43.22 -31.70 -10.92
CA MET A 30 43.04 -32.13 -12.31
C MET A 30 43.30 -30.96 -13.26
N LEU A 31 43.69 -31.30 -14.48
CA LEU A 31 43.95 -30.27 -15.47
C LEU A 31 42.63 -30.01 -16.20
N ILE A 32 42.19 -28.76 -16.19
CA ILE A 32 40.93 -28.36 -16.81
C ILE A 32 41.14 -27.44 -17.99
N GLU A 33 40.58 -27.78 -19.15
CA GLU A 33 40.72 -26.95 -20.36
C GLU A 33 39.42 -26.74 -21.12
N PHE A 34 39.26 -25.55 -21.69
CA PHE A 34 38.05 -25.21 -22.44
C PHE A 34 38.34 -24.77 -23.87
N ASN A 35 39.44 -25.25 -24.45
CA ASN A 35 39.78 -24.83 -25.80
C ASN A 35 39.67 -25.89 -26.88
N MET A 36 39.12 -27.05 -26.54
CA MET A 36 38.97 -28.10 -27.53
C MET A 36 37.50 -28.45 -27.71
N PRO A 37 37.13 -28.95 -28.89
CA PRO A 37 35.73 -29.30 -29.12
C PRO A 37 35.36 -30.52 -28.30
N VAL A 38 34.07 -30.66 -28.02
CA VAL A 38 33.57 -31.78 -27.23
C VAL A 38 32.43 -32.43 -28.01
N ASP A 39 32.46 -33.75 -28.06
CA ASP A 39 31.43 -34.52 -28.76
C ASP A 39 30.74 -35.36 -27.70
N LEU A 40 29.47 -35.05 -27.43
CA LEU A 40 28.76 -35.78 -26.39
C LEU A 40 28.59 -37.26 -26.68
N GLU A 41 28.59 -37.65 -27.95
CA GLU A 41 28.48 -39.06 -28.26
C GLU A 41 29.70 -39.79 -27.70
N LEU A 42 30.86 -39.17 -27.88
CA LEU A 42 32.10 -39.71 -27.37
C LEU A 42 32.11 -39.68 -25.84
N VAL A 43 31.61 -38.59 -25.26
CA VAL A 43 31.58 -38.51 -23.80
C VAL A 43 30.74 -39.65 -23.25
N ALA A 44 29.60 -39.91 -23.89
CA ALA A 44 28.74 -41.00 -23.45
C ALA A 44 29.50 -42.33 -23.55
N LYS A 45 30.30 -42.47 -24.60
CA LYS A 45 31.09 -43.69 -24.79
C LYS A 45 32.14 -43.80 -23.70
N GLN A 46 32.75 -42.67 -23.34
CA GLN A 46 33.77 -42.66 -22.30
C GLN A 46 33.15 -42.84 -20.90
N ASN A 47 31.83 -42.65 -20.80
CA ASN A 47 31.13 -42.79 -19.52
C ASN A 47 30.04 -43.86 -19.66
N PRO A 48 30.46 -45.08 -20.01
CA PRO A 48 29.56 -46.23 -20.20
C PRO A 48 28.56 -46.51 -19.08
N ASN A 49 28.96 -46.31 -17.84
CA ASN A 49 28.07 -46.60 -16.74
C ASN A 49 26.99 -45.54 -16.44
N VAL A 50 26.99 -44.44 -17.17
CA VAL A 50 25.97 -43.42 -16.95
C VAL A 50 24.73 -43.79 -17.76
N LYS A 51 23.64 -44.09 -17.08
CA LYS A 51 22.40 -44.47 -17.74
C LYS A 51 21.58 -43.31 -18.28
N MET A 52 20.63 -43.64 -19.15
CA MET A 52 19.78 -42.66 -19.82
C MET A 52 19.25 -41.59 -18.87
N GLY A 53 19.37 -40.34 -19.28
CA GLY A 53 18.92 -39.23 -18.44
C GLY A 53 20.01 -38.68 -17.53
N GLY A 54 21.20 -39.25 -17.65
CA GLY A 54 22.32 -38.81 -16.83
C GLY A 54 22.27 -39.34 -15.41
N ARG A 55 21.89 -40.61 -15.27
CA ARG A 55 21.78 -41.24 -13.96
C ARG A 55 22.90 -42.25 -13.71
N TYR A 56 23.38 -42.28 -12.48
CA TYR A 56 24.44 -43.19 -12.12
C TYR A 56 24.43 -43.49 -10.63
N ALA A 57 24.73 -44.73 -10.29
CA ALA A 57 24.86 -45.18 -8.91
C ALA A 57 25.95 -46.27 -8.96
N PRO A 58 26.83 -46.33 -7.95
CA PRO A 58 27.87 -47.36 -7.96
C PRO A 58 27.34 -48.79 -8.02
N ARG A 59 28.00 -49.64 -8.80
CA ARG A 59 27.58 -51.04 -8.93
C ARG A 59 28.00 -51.84 -7.71
N ASP A 60 29.11 -51.47 -7.09
CA ASP A 60 29.66 -52.23 -5.97
C ASP A 60 29.28 -51.90 -4.53
N CYS A 61 28.66 -50.75 -4.31
CA CYS A 61 28.28 -50.36 -2.96
C CYS A 61 27.14 -49.36 -3.01
N VAL A 62 26.47 -49.17 -1.88
CA VAL A 62 25.35 -48.25 -1.76
C VAL A 62 25.78 -46.88 -1.25
N SER A 63 25.61 -45.85 -2.07
CA SER A 63 25.98 -44.51 -1.66
C SER A 63 24.89 -43.87 -0.80
N PRO A 64 25.29 -43.16 0.28
CA PRO A 64 24.29 -42.50 1.14
C PRO A 64 23.89 -41.19 0.47
N HIS A 65 24.62 -40.82 -0.57
CA HIS A 65 24.36 -39.58 -1.26
C HIS A 65 23.48 -39.75 -2.50
N LYS A 66 22.20 -39.39 -2.37
CA LYS A 66 21.24 -39.45 -3.47
C LYS A 66 21.12 -37.99 -3.85
N VAL A 67 21.91 -37.63 -4.85
CA VAL A 67 22.05 -36.27 -5.32
C VAL A 67 21.46 -35.91 -6.67
N ALA A 68 20.66 -34.85 -6.68
CA ALA A 68 20.11 -34.36 -7.94
C ALA A 68 20.92 -33.11 -8.18
N ILE A 69 21.58 -33.05 -9.34
CA ILE A 69 22.37 -31.88 -9.70
C ILE A 69 21.55 -31.02 -10.67
N ILE A 70 21.23 -29.82 -10.20
CA ILE A 70 20.39 -28.88 -10.93
C ILE A 70 21.16 -27.75 -11.58
N ILE A 71 21.02 -27.63 -12.89
CA ILE A 71 21.69 -26.57 -13.63
C ILE A 71 20.71 -25.59 -14.27
N PRO A 72 20.76 -24.29 -13.90
CA PRO A 72 19.85 -23.31 -14.49
C PRO A 72 20.38 -23.08 -15.89
N PHE A 73 19.50 -23.04 -16.89
CA PHE A 73 19.96 -22.98 -18.27
C PHE A 73 19.10 -22.31 -19.34
N ARG A 74 19.80 -21.73 -20.32
CA ARG A 74 19.21 -21.18 -21.53
C ARG A 74 20.32 -20.73 -22.46
N ASN A 75 20.39 -21.38 -23.63
CA ASN A 75 21.38 -21.03 -24.64
C ASN A 75 22.84 -21.13 -24.18
N ARG A 76 23.20 -22.23 -23.51
CA ARG A 76 24.56 -22.44 -23.04
C ARG A 76 24.96 -23.87 -23.36
N GLN A 77 24.64 -24.31 -24.58
CA GLN A 77 24.94 -25.69 -24.96
C GLN A 77 26.43 -25.99 -24.98
N GLU A 78 27.23 -25.02 -25.43
CA GLU A 78 28.67 -25.23 -25.48
C GLU A 78 29.25 -25.40 -24.08
N HIS A 79 28.84 -24.51 -23.17
CA HIS A 79 29.32 -24.63 -21.79
C HIS A 79 28.85 -25.97 -21.23
N LEU A 80 27.58 -26.30 -21.47
CA LEU A 80 27.04 -27.55 -20.94
C LEU A 80 27.85 -28.78 -21.38
N LYS A 81 28.31 -28.76 -22.63
CA LYS A 81 29.12 -29.88 -23.11
C LYS A 81 30.38 -30.00 -22.26
N TYR A 82 31.04 -28.88 -21.99
CA TYR A 82 32.23 -28.94 -21.16
C TYR A 82 31.85 -29.45 -19.78
N TRP A 83 30.76 -28.93 -19.24
CA TRP A 83 30.31 -29.34 -17.91
C TRP A 83 30.15 -30.85 -17.84
N LEU A 84 29.47 -31.43 -18.82
CA LEU A 84 29.22 -32.89 -18.82
C LEU A 84 30.51 -33.69 -18.97
N TYR A 85 31.40 -33.21 -19.83
CA TYR A 85 32.67 -33.87 -20.08
C TYR A 85 33.51 -33.97 -18.80
N TYR A 86 33.58 -32.87 -18.05
CA TYR A 86 34.37 -32.87 -16.82
C TYR A 86 33.69 -33.44 -15.59
N LEU A 87 32.45 -33.06 -15.32
CA LEU A 87 31.76 -33.55 -14.13
C LEU A 87 31.41 -35.03 -14.07
N HIS A 88 30.94 -35.60 -15.17
CA HIS A 88 30.53 -36.99 -15.09
C HIS A 88 31.59 -37.93 -14.53
N PRO A 89 32.84 -37.84 -15.02
CA PRO A 89 33.88 -38.72 -14.49
C PRO A 89 34.11 -38.44 -13.00
N VAL A 90 34.07 -37.16 -12.63
CA VAL A 90 34.26 -36.77 -11.25
C VAL A 90 33.14 -37.27 -10.33
N LEU A 91 31.89 -37.11 -10.76
CA LEU A 91 30.78 -37.53 -9.92
C LEU A 91 30.77 -39.05 -9.69
N GLN A 92 31.19 -39.83 -10.68
CA GLN A 92 31.24 -41.28 -10.51
C GLN A 92 32.37 -41.64 -9.55
N ARG A 93 33.51 -40.95 -9.63
CA ARG A 93 34.60 -41.28 -8.71
C ARG A 93 34.19 -40.94 -7.28
N GLN A 94 33.31 -39.97 -7.13
CA GLN A 94 32.82 -39.61 -5.80
C GLN A 94 31.81 -40.64 -5.29
N GLN A 95 31.51 -41.65 -6.12
CA GLN A 95 30.61 -42.73 -5.71
C GLN A 95 29.23 -42.25 -5.25
N LEU A 96 28.67 -41.34 -6.02
CA LEU A 96 27.37 -40.77 -5.72
C LEU A 96 26.29 -41.49 -6.51
N ASP A 97 25.08 -41.47 -5.96
CA ASP A 97 23.89 -42.05 -6.60
C ASP A 97 23.28 -40.75 -7.11
N TYR A 98 23.60 -40.35 -8.34
CA TYR A 98 23.16 -39.06 -8.84
C TYR A 98 22.41 -38.97 -10.15
N GLY A 99 21.84 -37.78 -10.40
CA GLY A 99 21.11 -37.50 -11.62
C GLY A 99 21.37 -36.06 -12.03
N ILE A 100 21.50 -35.82 -13.33
CA ILE A 100 21.75 -34.49 -13.84
C ILE A 100 20.46 -33.91 -14.44
N TYR A 101 20.10 -32.70 -14.03
CA TYR A 101 18.92 -32.02 -14.55
C TYR A 101 19.27 -30.62 -15.07
N VAL A 102 18.98 -30.37 -16.34
CA VAL A 102 19.23 -29.07 -16.95
C VAL A 102 17.86 -28.44 -17.06
N ILE A 103 17.65 -27.35 -16.33
CA ILE A 103 16.35 -26.70 -16.34
C ILE A 103 16.42 -25.58 -17.36
N ASN A 104 15.89 -25.87 -18.54
CA ASN A 104 15.91 -24.95 -19.66
C ASN A 104 14.74 -23.95 -19.64
N GLN A 105 15.06 -22.66 -19.57
CA GLN A 105 14.00 -21.64 -19.54
C GLN A 105 13.43 -21.39 -20.93
N ALA A 106 12.16 -21.75 -21.12
CA ALA A 106 11.48 -21.54 -22.40
C ALA A 106 11.33 -20.05 -22.65
N GLY A 107 11.18 -19.68 -23.92
CA GLY A 107 11.00 -18.27 -24.25
C GLY A 107 12.22 -17.40 -24.30
N ASP A 108 12.02 -16.12 -24.60
CA ASP A 108 13.12 -15.19 -24.71
C ASP A 108 12.97 -13.98 -23.81
N THR A 109 12.23 -14.14 -22.72
CA THR A 109 12.07 -13.03 -21.79
C THR A 109 13.12 -13.09 -20.67
N ILE A 110 13.15 -12.07 -19.82
CA ILE A 110 14.14 -11.99 -18.75
C ILE A 110 14.36 -13.30 -17.96
N PHE A 111 15.62 -13.70 -17.89
CA PHE A 111 16.08 -14.91 -17.21
C PHE A 111 15.80 -14.89 -15.69
N ASN A 112 15.52 -16.06 -15.12
CA ASN A 112 15.29 -16.14 -13.67
C ASN A 112 16.00 -17.38 -13.12
N ARG A 113 17.29 -17.23 -12.87
CA ARG A 113 18.11 -18.32 -12.34
C ARG A 113 17.49 -19.05 -11.15
N ALA A 114 17.15 -18.31 -10.09
CA ALA A 114 16.61 -18.98 -8.90
C ALA A 114 15.29 -19.69 -9.07
N LYS A 115 14.40 -19.16 -9.90
CA LYS A 115 13.11 -19.84 -10.06
C LYS A 115 13.32 -21.17 -10.78
N LEU A 116 14.27 -21.19 -11.72
CA LEU A 116 14.58 -22.41 -12.46
C LEU A 116 15.12 -23.43 -11.46
N LEU A 117 15.95 -22.95 -10.54
CA LEU A 117 16.49 -23.84 -9.53
C LEU A 117 15.34 -24.47 -8.71
N ASN A 118 14.31 -23.68 -8.37
CA ASN A 118 13.18 -24.25 -7.62
C ASN A 118 12.45 -25.32 -8.44
N VAL A 119 12.29 -25.07 -9.74
CA VAL A 119 11.65 -26.01 -10.64
C VAL A 119 12.44 -27.31 -10.59
N GLY A 120 13.77 -27.19 -10.67
CA GLY A 120 14.64 -28.34 -10.63
C GLY A 120 14.43 -29.21 -9.42
N PHE A 121 14.37 -28.58 -8.25
CA PHE A 121 14.17 -29.31 -7.01
C PHE A 121 12.87 -30.07 -7.06
N GLN A 122 11.79 -29.37 -7.39
CA GLN A 122 10.47 -29.99 -7.42
C GLN A 122 10.34 -31.10 -8.46
N GLU A 123 10.88 -30.88 -9.66
CA GLU A 123 10.77 -31.89 -10.68
C GLU A 123 11.67 -33.10 -10.45
N ALA A 124 12.92 -32.91 -10.02
CA ALA A 124 13.79 -34.06 -9.80
C ALA A 124 13.18 -35.00 -8.76
N LEU A 125 12.50 -34.44 -7.77
CA LEU A 125 11.88 -35.24 -6.72
C LEU A 125 10.83 -36.19 -7.29
N LYS A 126 10.29 -35.86 -8.45
CA LYS A 126 9.27 -36.71 -9.09
C LYS A 126 9.89 -37.96 -9.73
N ASP A 127 11.19 -37.91 -9.99
CA ASP A 127 11.90 -39.04 -10.59
C ASP A 127 12.42 -40.06 -9.60
N TYR A 128 12.92 -39.56 -8.47
CA TYR A 128 13.56 -40.44 -7.51
C TYR A 128 13.59 -39.78 -6.13
N ASP A 129 13.84 -40.58 -5.10
CA ASP A 129 13.89 -40.10 -3.73
C ASP A 129 15.22 -39.39 -3.40
N TYR A 130 15.54 -38.33 -4.13
CA TYR A 130 16.75 -37.56 -3.89
C TYR A 130 16.64 -36.88 -2.54
N THR A 131 17.74 -36.82 -1.79
CA THR A 131 17.72 -36.19 -0.48
C THR A 131 18.79 -35.11 -0.39
N CYS A 132 19.42 -34.83 -1.53
CA CYS A 132 20.48 -33.82 -1.63
C CYS A 132 20.40 -33.15 -2.98
N PHE A 133 20.62 -31.83 -2.99
CA PHE A 133 20.55 -31.05 -4.21
C PHE A 133 21.74 -30.15 -4.42
N VAL A 134 22.41 -30.35 -5.56
CA VAL A 134 23.55 -29.52 -5.90
C VAL A 134 23.03 -28.58 -6.97
N PHE A 135 23.21 -27.28 -6.74
CA PHE A 135 22.78 -26.26 -7.68
C PHE A 135 24.05 -25.71 -8.26
N SER A 136 24.24 -25.93 -9.56
CA SER A 136 25.44 -25.49 -10.24
C SER A 136 25.23 -24.67 -11.51
N ASP A 137 25.94 -23.54 -11.59
CA ASP A 137 25.90 -22.75 -12.81
C ASP A 137 26.55 -23.67 -13.86
N VAL A 138 26.20 -23.48 -15.12
CA VAL A 138 26.67 -24.30 -16.23
C VAL A 138 28.13 -24.12 -16.63
N ASP A 139 28.72 -23.01 -16.24
CA ASP A 139 30.10 -22.69 -16.63
C ASP A 139 31.13 -22.85 -15.52
N LEU A 140 30.82 -23.61 -14.47
CA LEU A 140 31.78 -23.79 -13.37
C LEU A 140 32.24 -25.25 -13.25
N ILE A 141 33.55 -25.45 -13.36
CA ILE A 141 34.13 -26.79 -13.31
C ILE A 141 35.08 -26.94 -12.13
N PRO A 142 34.87 -27.95 -11.28
CA PRO A 142 35.76 -28.13 -10.13
C PRO A 142 37.12 -28.62 -10.61
N MET A 143 38.19 -28.16 -9.96
CA MET A 143 39.55 -28.57 -10.34
C MET A 143 40.14 -29.66 -9.48
N ASN A 144 39.41 -30.09 -8.46
CA ASN A 144 39.91 -31.11 -7.56
C ASN A 144 38.74 -32.01 -7.17
N ASP A 145 38.83 -33.30 -7.47
CA ASP A 145 37.72 -34.19 -7.15
C ASP A 145 37.51 -34.46 -5.66
N HIS A 146 38.30 -33.80 -4.82
CA HIS A 146 38.10 -33.97 -3.40
C HIS A 146 37.03 -32.97 -2.95
N ASN A 147 36.63 -32.09 -3.85
CA ASN A 147 35.59 -31.09 -3.56
C ASN A 147 34.27 -31.85 -3.78
N ALA A 148 33.69 -32.34 -2.69
CA ALA A 148 32.48 -33.15 -2.73
C ALA A 148 31.20 -32.48 -3.19
N TYR A 149 30.61 -33.08 -4.23
CA TYR A 149 29.36 -32.59 -4.80
C TYR A 149 28.20 -33.32 -4.15
N ARG A 150 28.10 -33.19 -2.83
CA ARG A 150 27.02 -33.80 -2.09
C ARG A 150 26.74 -32.95 -0.84
N CYS A 151 25.77 -33.36 -0.06
CA CYS A 151 25.37 -32.59 1.11
C CYS A 151 26.05 -32.87 2.45
N PHE A 152 26.05 -31.84 3.30
CA PHE A 152 26.65 -31.92 4.63
C PHE A 152 25.64 -31.55 5.73
N SER A 153 26.07 -31.50 6.99
CA SER A 153 25.15 -31.16 8.06
C SER A 153 24.69 -29.70 7.96
N GLN A 154 25.43 -28.87 7.23
CA GLN A 154 25.08 -27.47 7.02
C GLN A 154 25.13 -27.20 5.52
N PRO A 155 24.42 -26.16 5.04
CA PRO A 155 24.44 -25.84 3.61
C PRO A 155 25.90 -25.77 3.18
N ARG A 156 26.21 -26.32 2.00
CA ARG A 156 27.57 -26.37 1.49
C ARG A 156 27.84 -25.47 0.31
N HIS A 157 28.87 -24.63 0.43
CA HIS A 157 29.26 -23.76 -0.66
C HIS A 157 30.44 -24.50 -1.29
N ILE A 158 30.29 -24.88 -2.57
CA ILE A 158 31.29 -25.66 -3.27
C ILE A 158 32.33 -24.91 -4.12
N SER A 159 31.88 -23.96 -4.92
CA SER A 159 32.78 -23.19 -5.78
C SER A 159 33.39 -22.04 -4.98
N VAL A 160 34.24 -22.39 -4.02
CA VAL A 160 34.84 -21.40 -3.13
C VAL A 160 36.04 -20.62 -3.63
N ALA A 161 36.83 -21.21 -4.53
CA ALA A 161 38.03 -20.52 -5.01
C ALA A 161 38.05 -20.52 -6.53
N MET A 162 37.27 -19.61 -7.10
CA MET A 162 37.11 -19.47 -8.55
C MET A 162 38.22 -18.64 -9.17
N ASP A 163 38.69 -19.08 -10.33
CA ASP A 163 39.75 -18.33 -10.99
C ASP A 163 39.31 -16.90 -11.27
N LYS A 164 38.04 -16.71 -11.62
CA LYS A 164 37.60 -15.36 -11.90
C LYS A 164 37.61 -14.44 -10.68
N PHE A 165 37.73 -15.00 -9.47
CA PHE A 165 37.81 -14.14 -8.29
C PHE A 165 39.21 -14.24 -7.67
N GLY A 166 40.20 -14.62 -8.48
CA GLY A 166 41.56 -14.72 -7.97
C GLY A 166 41.75 -15.89 -7.03
N PHE A 167 41.02 -16.97 -7.29
CA PHE A 167 41.14 -18.17 -6.46
C PHE A 167 40.86 -17.94 -4.98
N SER A 168 39.88 -17.11 -4.66
CA SER A 168 39.48 -16.87 -3.27
C SER A 168 38.03 -16.37 -3.31
N LEU A 169 37.34 -16.38 -2.18
CA LEU A 169 35.97 -15.88 -2.13
C LEU A 169 35.92 -14.39 -2.40
N PRO A 170 34.89 -13.90 -3.12
CA PRO A 170 34.81 -12.46 -3.38
C PRO A 170 34.49 -11.73 -2.07
N TYR A 171 33.74 -12.38 -1.18
CA TYR A 171 33.41 -11.88 0.16
C TYR A 171 33.04 -13.12 0.97
N VAL A 172 33.19 -13.06 2.30
CA VAL A 172 32.94 -14.27 3.09
C VAL A 172 31.51 -14.78 3.09
N GLN A 173 30.54 -13.94 2.74
CA GLN A 173 29.15 -14.39 2.69
C GLN A 173 28.70 -14.78 1.26
N TYR A 174 29.64 -14.85 0.33
CA TYR A 174 29.32 -15.22 -1.06
C TYR A 174 28.89 -16.70 -1.11
N PHE A 175 27.73 -16.95 -1.70
CA PHE A 175 27.20 -18.31 -1.78
C PHE A 175 26.82 -18.64 -3.22
N GLY A 176 27.30 -17.87 -4.18
CA GLY A 176 26.96 -18.16 -5.55
C GLY A 176 27.82 -19.23 -6.23
N GLY A 177 27.46 -19.54 -7.48
CA GLY A 177 28.20 -20.50 -8.25
C GLY A 177 27.71 -21.92 -8.12
N VAL A 178 28.28 -22.64 -7.16
CA VAL A 178 27.90 -24.02 -6.95
C VAL A 178 27.66 -24.23 -5.47
N SER A 179 26.54 -24.88 -5.13
CA SER A 179 26.24 -25.14 -3.73
C SER A 179 25.44 -26.43 -3.61
N ALA A 180 25.33 -26.91 -2.38
CA ALA A 180 24.58 -28.14 -2.12
C ALA A 180 23.77 -27.97 -0.84
N LEU A 181 22.48 -28.25 -0.94
CA LEU A 181 21.57 -28.20 0.20
C LEU A 181 20.85 -29.54 0.31
N SER A 182 20.76 -30.08 1.52
CA SER A 182 20.03 -31.34 1.68
C SER A 182 18.55 -30.99 1.44
N LYS A 183 17.71 -31.99 1.28
CA LYS A 183 16.29 -31.75 1.07
C LYS A 183 15.72 -30.99 2.30
N GLN A 184 16.12 -31.38 3.51
CA GLN A 184 15.58 -30.70 4.69
C GLN A 184 16.03 -29.24 4.77
N GLN A 185 17.29 -28.98 4.41
CA GLN A 185 17.80 -27.63 4.43
C GLN A 185 17.03 -26.78 3.42
N PHE A 186 16.82 -27.32 2.22
CA PHE A 186 16.10 -26.58 1.18
C PHE A 186 14.66 -26.29 1.64
N LEU A 187 13.98 -27.30 2.17
CA LEU A 187 12.61 -27.10 2.60
C LEU A 187 12.53 -26.12 3.75
N THR A 188 13.51 -26.18 4.66
CA THR A 188 13.52 -25.28 5.81
C THR A 188 13.56 -23.82 5.41
N ILE A 189 14.19 -23.46 4.29
CA ILE A 189 14.20 -22.05 3.88
C ILE A 189 13.11 -21.69 2.84
N ASN A 190 12.15 -22.57 2.64
CA ASN A 190 11.08 -22.32 1.67
C ASN A 190 11.72 -22.19 0.30
N GLY A 191 12.78 -22.96 0.08
CA GLY A 191 13.48 -22.92 -1.18
C GLY A 191 14.09 -21.59 -1.52
N PHE A 192 14.20 -21.31 -2.81
CA PHE A 192 14.81 -20.07 -3.23
C PHE A 192 13.77 -19.05 -3.64
N PRO A 193 14.13 -17.77 -3.67
CA PRO A 193 13.18 -16.73 -4.05
C PRO A 193 12.81 -16.84 -5.52
N ASN A 194 11.55 -16.54 -5.86
CA ASN A 194 11.09 -16.60 -7.24
C ASN A 194 11.11 -15.26 -7.95
N ASN A 195 11.30 -14.15 -7.24
CA ASN A 195 11.25 -12.84 -7.88
C ASN A 195 12.54 -12.09 -8.18
N TYR A 196 13.64 -12.81 -8.34
CA TYR A 196 14.89 -12.16 -8.70
C TYR A 196 15.05 -12.36 -10.21
N TRP A 197 14.51 -11.40 -10.98
CA TRP A 197 14.56 -11.48 -12.42
C TRP A 197 15.79 -10.73 -12.87
N GLY A 198 16.56 -11.33 -13.77
CA GLY A 198 17.76 -10.68 -14.22
C GLY A 198 18.89 -11.01 -13.26
N TRP A 199 20.10 -10.65 -13.65
CA TRP A 199 21.30 -10.94 -12.87
C TRP A 199 21.43 -10.30 -11.49
N GLY A 200 22.02 -11.06 -10.58
CA GLY A 200 22.33 -10.54 -9.25
C GLY A 200 21.45 -10.62 -8.04
N GLY A 201 22.11 -10.80 -6.89
CA GLY A 201 21.42 -10.84 -5.61
C GLY A 201 20.68 -12.06 -5.11
N GLU A 202 20.21 -12.94 -6.00
CA GLU A 202 19.45 -14.08 -5.54
C GLU A 202 20.29 -15.01 -4.68
N ASP A 203 21.60 -15.09 -4.97
CA ASP A 203 22.49 -15.93 -4.18
C ASP A 203 22.67 -15.34 -2.78
N ASP A 204 22.71 -14.02 -2.69
CA ASP A 204 22.82 -13.35 -1.40
C ASP A 204 21.51 -13.52 -0.64
N ASP A 205 20.38 -13.52 -1.36
CA ASP A 205 19.10 -13.70 -0.71
C ASP A 205 19.12 -15.09 -0.07
N ILE A 206 19.61 -16.05 -0.84
CA ILE A 206 19.69 -17.42 -0.36
C ILE A 206 20.56 -17.53 0.88
N PHE A 207 21.70 -16.84 0.89
CA PHE A 207 22.58 -16.86 2.07
C PHE A 207 21.77 -16.35 3.26
N ASN A 208 21.05 -15.25 3.04
CA ASN A 208 20.22 -14.67 4.10
C ASN A 208 19.24 -15.67 4.66
N ARG A 209 18.58 -16.41 3.77
CA ARG A 209 17.60 -17.41 4.18
C ARG A 209 18.21 -18.43 5.10
N LEU A 210 19.38 -18.94 4.72
CA LEU A 210 20.05 -19.95 5.54
C LEU A 210 20.37 -19.41 6.94
N VAL A 211 20.92 -18.20 6.99
CA VAL A 211 21.27 -17.57 8.26
C VAL A 211 20.02 -17.35 9.09
N PHE A 212 18.96 -16.84 8.46
CA PHE A 212 17.72 -16.59 9.19
C PHE A 212 17.06 -17.86 9.66
N ARG A 213 17.58 -19.02 9.24
CA ARG A 213 17.01 -20.28 9.70
C ARG A 213 18.04 -21.06 10.53
N GLY A 214 18.98 -20.32 11.11
CA GLY A 214 19.98 -20.90 12.00
C GLY A 214 21.11 -21.73 11.42
N MET A 215 21.36 -21.61 10.13
CA MET A 215 22.42 -22.40 9.54
C MET A 215 23.65 -21.56 9.27
N SER A 216 24.76 -22.23 8.94
CA SER A 216 26.01 -21.56 8.63
C SER A 216 26.56 -22.22 7.37
N ILE A 217 27.47 -21.55 6.67
CA ILE A 217 27.99 -22.11 5.44
C ILE A 217 29.19 -23.01 5.69
N SER A 218 29.12 -24.22 5.15
CA SER A 218 30.21 -25.18 5.23
C SER A 218 30.97 -25.08 3.90
N ARG A 219 32.30 -25.18 3.94
CA ARG A 219 33.10 -25.08 2.72
C ARG A 219 34.39 -25.93 2.74
N PRO A 220 34.81 -26.43 1.57
CA PRO A 220 36.06 -27.20 1.56
C PRO A 220 37.14 -26.09 1.67
N ASN A 221 38.42 -26.43 1.82
CA ASN A 221 39.44 -25.37 1.87
C ASN A 221 39.63 -24.81 0.47
N ALA A 222 40.31 -23.67 0.38
CA ALA A 222 40.53 -22.98 -0.89
C ALA A 222 41.30 -23.72 -1.96
N VAL A 223 42.11 -24.70 -1.58
CA VAL A 223 42.86 -25.44 -2.58
C VAL A 223 41.91 -26.47 -3.18
N VAL A 224 41.30 -27.28 -2.33
CA VAL A 224 40.36 -28.28 -2.80
C VAL A 224 39.20 -27.63 -3.54
N GLY A 225 38.79 -26.46 -3.08
CA GLY A 225 37.67 -25.79 -3.70
C GLY A 225 37.97 -24.94 -4.91
N THR A 226 39.17 -25.08 -5.46
CA THR A 226 39.57 -24.33 -6.63
C THR A 226 38.61 -24.69 -7.77
N THR A 227 38.12 -23.67 -8.45
CA THR A 227 37.15 -23.88 -9.51
C THR A 227 37.40 -23.02 -10.75
N ARG A 228 37.13 -23.57 -11.93
CA ARG A 228 37.32 -22.79 -13.14
C ARG A 228 36.00 -22.27 -13.71
N HIS A 229 35.98 -21.00 -14.09
CA HIS A 229 34.80 -20.42 -14.71
C HIS A 229 35.11 -20.25 -16.20
N ILE A 230 34.25 -20.76 -17.08
CA ILE A 230 34.49 -20.59 -18.51
C ILE A 230 34.21 -19.14 -18.89
N ARG A 231 35.26 -18.41 -19.28
CA ARG A 231 35.10 -17.01 -19.66
C ARG A 231 34.00 -16.89 -20.69
N HIS A 232 33.13 -15.91 -20.51
CA HIS A 232 32.02 -15.68 -21.43
C HIS A 232 31.57 -14.23 -21.37
N SER A 233 30.81 -13.82 -22.38
CA SER A 233 30.32 -12.46 -22.43
C SER A 233 28.91 -12.46 -21.88
N ARG A 234 28.36 -11.27 -21.69
CA ARG A 234 27.01 -11.13 -21.16
C ARG A 234 25.96 -11.75 -22.06
N ASP A 235 25.00 -12.45 -21.46
CA ASP A 235 23.92 -13.05 -22.22
C ASP A 235 22.87 -11.96 -22.33
N LYS A 236 22.07 -12.01 -23.38
CA LYS A 236 21.01 -11.04 -23.55
C LYS A 236 19.88 -11.53 -22.63
N LYS A 237 19.03 -10.63 -22.17
CA LYS A 237 17.88 -10.99 -21.32
C LYS A 237 18.17 -11.39 -19.88
N ASN A 238 19.32 -10.99 -19.35
CA ASN A 238 19.65 -11.29 -17.96
C ASN A 238 20.40 -10.10 -17.41
N GLU A 239 19.84 -8.93 -17.66
CA GLU A 239 20.38 -7.66 -17.24
C GLU A 239 20.41 -7.54 -15.72
N PRO A 240 21.46 -6.92 -15.16
CA PRO A 240 21.54 -6.77 -13.71
C PRO A 240 20.22 -6.20 -13.20
N ASN A 241 19.67 -6.83 -12.17
CA ASN A 241 18.40 -6.42 -11.57
C ASN A 241 18.60 -5.24 -10.62
N PRO A 242 18.12 -4.05 -11.01
CA PRO A 242 18.23 -2.81 -10.24
C PRO A 242 17.61 -2.87 -8.84
N GLN A 243 16.58 -3.67 -8.67
CA GLN A 243 15.94 -3.76 -7.37
C GLN A 243 16.53 -4.87 -6.48
N ARG A 244 17.67 -5.42 -6.90
CA ARG A 244 18.28 -6.50 -6.12
C ARG A 244 18.80 -6.10 -4.75
N PHE A 245 19.35 -4.89 -4.64
CA PHE A 245 19.88 -4.44 -3.36
C PHE A 245 18.74 -4.26 -2.38
N ASP A 246 17.61 -3.79 -2.87
CA ASP A 246 16.47 -3.62 -1.99
C ASP A 246 15.88 -4.97 -1.60
N ARG A 247 15.80 -5.89 -2.55
CA ARG A 247 15.24 -7.21 -2.25
C ARG A 247 16.03 -8.00 -1.21
N ILE A 248 17.36 -7.93 -1.24
CA ILE A 248 18.11 -8.72 -0.28
C ILE A 248 18.05 -8.15 1.12
N ALA A 249 17.56 -6.92 1.24
CA ALA A 249 17.45 -6.28 2.54
C ALA A 249 16.19 -6.73 3.28
N HIS A 250 15.28 -7.38 2.57
CA HIS A 250 14.04 -7.83 3.21
C HIS A 250 13.80 -9.32 3.16
N THR A 251 14.84 -10.09 2.87
CA THR A 251 14.69 -11.54 2.79
C THR A 251 13.95 -12.15 3.98
N LYS A 252 14.33 -11.74 5.19
CA LYS A 252 13.71 -12.31 6.38
C LYS A 252 12.20 -12.31 6.30
N GLU A 253 11.62 -11.21 5.85
CA GLU A 253 10.18 -11.16 5.77
C GLU A 253 9.66 -11.85 4.50
N THR A 254 10.26 -11.55 3.36
CA THR A 254 9.77 -12.14 2.12
C THR A 254 9.94 -13.64 1.96
N MET A 255 10.95 -14.23 2.58
CA MET A 255 11.17 -15.66 2.41
C MET A 255 9.97 -16.44 2.96
N LEU A 256 9.24 -15.83 3.87
CA LEU A 256 8.08 -16.48 4.47
C LEU A 256 6.99 -16.86 3.45
N SER A 257 6.82 -16.05 2.43
CA SER A 257 5.77 -16.34 1.46
C SER A 257 6.21 -16.36 0.00
N ASP A 258 7.52 -16.26 -0.23
CA ASP A 258 8.04 -16.30 -1.59
C ASP A 258 9.10 -17.38 -1.71
N GLY A 259 8.76 -18.43 -2.48
CA GLY A 259 9.65 -19.55 -2.70
C GLY A 259 8.81 -20.76 -3.09
N LEU A 260 9.17 -21.91 -2.54
CA LEU A 260 8.44 -23.14 -2.84
C LEU A 260 6.95 -22.97 -2.61
N ASN A 261 6.57 -22.32 -1.50
CA ASN A 261 5.16 -22.16 -1.21
C ASN A 261 4.42 -21.10 -2.03
N SER A 262 5.06 -20.56 -3.06
CA SER A 262 4.40 -19.57 -3.92
C SER A 262 4.80 -19.85 -5.37
N LEU A 263 5.31 -21.04 -5.60
CA LEU A 263 5.79 -21.41 -6.91
C LEU A 263 4.81 -22.08 -7.86
N THR A 264 4.80 -21.65 -9.12
CA THR A 264 4.01 -22.31 -10.16
C THR A 264 4.86 -22.19 -11.41
N TYR A 265 4.65 -23.10 -12.35
CA TYR A 265 5.37 -23.11 -13.62
C TYR A 265 4.68 -24.16 -14.50
N GLN A 266 5.01 -24.19 -15.77
CA GLN A 266 4.42 -25.19 -16.65
C GLN A 266 5.54 -25.86 -17.44
N VAL A 267 5.75 -27.15 -17.20
CA VAL A 267 6.78 -27.88 -17.92
C VAL A 267 6.28 -28.09 -19.35
N LEU A 268 7.08 -27.67 -20.33
CA LEU A 268 6.71 -27.82 -21.73
C LEU A 268 7.26 -29.09 -22.36
N ASP A 269 8.39 -29.55 -21.86
CA ASP A 269 9.01 -30.74 -22.41
C ASP A 269 10.09 -31.34 -21.50
N VAL A 270 10.16 -32.67 -21.49
CA VAL A 270 11.16 -33.40 -20.71
C VAL A 270 11.90 -34.30 -21.71
N GLN A 271 13.21 -34.15 -21.82
CA GLN A 271 14.00 -34.95 -22.76
C GLN A 271 15.07 -35.69 -22.01
N ARG A 272 15.09 -37.01 -22.15
CA ARG A 272 16.09 -37.81 -21.49
C ARG A 272 17.24 -38.05 -22.45
N TYR A 273 18.33 -37.31 -22.27
CA TYR A 273 19.50 -37.50 -23.10
C TYR A 273 20.37 -38.49 -22.37
N PRO A 274 21.35 -39.10 -23.07
CA PRO A 274 22.22 -40.08 -22.41
C PRO A 274 22.93 -39.54 -21.16
N LEU A 275 23.40 -38.30 -21.25
CA LEU A 275 24.13 -37.69 -20.13
C LEU A 275 23.36 -36.72 -19.22
N TYR A 276 22.09 -36.48 -19.53
CA TYR A 276 21.29 -35.57 -18.71
C TYR A 276 19.85 -35.54 -19.11
N THR A 277 19.03 -35.06 -18.18
CA THR A 277 17.61 -34.89 -18.39
C THR A 277 17.42 -33.39 -18.54
N GLN A 278 16.78 -32.98 -19.62
CA GLN A 278 16.52 -31.56 -19.82
C GLN A 278 15.03 -31.27 -19.70
N ILE A 279 14.70 -30.40 -18.75
CA ILE A 279 13.33 -30.02 -18.51
C ILE A 279 13.14 -28.60 -19.03
N THR A 280 12.37 -28.46 -20.10
CA THR A 280 12.12 -27.15 -20.67
C THR A 280 10.85 -26.69 -19.98
N VAL A 281 10.94 -25.53 -19.35
CA VAL A 281 9.82 -25.03 -18.58
C VAL A 281 9.50 -23.55 -18.78
N ASP A 282 8.21 -23.23 -18.67
CA ASP A 282 7.73 -21.87 -18.80
C ASP A 282 7.59 -21.34 -17.38
N ILE A 283 8.49 -20.45 -16.96
CA ILE A 283 8.42 -19.88 -15.61
C ILE A 283 7.81 -18.48 -15.63
N GLY A 284 7.26 -18.10 -16.78
CA GLY A 284 6.61 -16.80 -16.89
C GLY A 284 7.49 -15.56 -16.86
N THR A 285 6.85 -14.45 -16.53
CA THR A 285 7.49 -13.15 -16.46
C THR A 285 7.06 -12.49 -15.14
N PRO A 286 7.73 -11.39 -14.74
CA PRO A 286 7.45 -10.67 -13.49
C PRO A 286 6.02 -10.48 -12.99
N SER A 287 5.95 -10.62 -11.66
CA SER A 287 4.77 -10.49 -10.79
C SER A 287 3.73 -11.58 -10.82
N LEU B 16 -23.29 -15.89 29.20
CA LEU B 16 -22.97 -14.64 28.43
C LEU B 16 -24.19 -14.17 27.62
N PRO B 17 -24.54 -12.88 27.74
CA PRO B 17 -25.67 -12.32 27.01
C PRO B 17 -25.34 -12.00 25.56
N ALA B 18 -26.38 -11.74 24.77
CA ALA B 18 -26.20 -11.38 23.37
C ALA B 18 -25.72 -9.93 23.39
N CYS B 19 -24.90 -9.56 22.41
CA CYS B 19 -24.44 -8.18 22.34
C CYS B 19 -25.65 -7.37 21.90
N PRO B 20 -25.64 -6.07 22.16
CA PRO B 20 -26.81 -5.32 21.71
C PRO B 20 -26.84 -5.34 20.18
N GLU B 21 -28.03 -5.20 19.61
CA GLU B 21 -28.22 -5.24 18.16
C GLU B 21 -27.25 -4.37 17.37
N GLU B 22 -27.03 -3.16 17.86
CA GLU B 22 -26.06 -2.30 17.21
C GLU B 22 -25.04 -2.06 18.30
N SER B 23 -23.78 -1.98 17.92
CA SER B 23 -22.73 -1.79 18.89
C SER B 23 -22.74 -0.40 19.49
N PRO B 24 -22.61 -0.31 20.82
CA PRO B 24 -22.59 0.99 21.50
C PRO B 24 -21.20 1.62 21.52
N LEU B 25 -20.20 0.90 21.00
CA LEU B 25 -18.82 1.35 21.00
C LEU B 25 -18.38 2.19 19.80
N LEU B 26 -19.23 2.30 18.79
CA LEU B 26 -18.87 3.02 17.56
C LEU B 26 -18.59 4.51 17.71
N VAL B 27 -17.63 5.02 16.94
CA VAL B 27 -17.28 6.43 17.00
C VAL B 27 -17.67 7.22 15.76
N GLY B 28 -18.09 6.53 14.71
CA GLY B 28 -18.48 7.20 13.49
C GLY B 28 -17.31 7.52 12.56
N PRO B 29 -17.26 8.75 12.01
CA PRO B 29 -16.21 9.25 11.10
C PRO B 29 -14.80 9.10 11.70
N MET B 30 -13.86 8.58 10.92
CA MET B 30 -12.49 8.40 11.40
C MET B 30 -11.50 9.05 10.46
N LEU B 31 -10.31 9.33 10.96
CA LEU B 31 -9.26 9.94 10.16
C LEU B 31 -8.40 8.82 9.54
N ILE B 32 -8.38 8.74 8.21
CA ILE B 32 -7.63 7.68 7.52
C ILE B 32 -6.45 8.23 6.71
N GLU B 33 -5.27 7.64 6.89
CA GLU B 33 -4.10 8.09 6.14
C GLU B 33 -3.13 6.96 5.79
N PHE B 34 -2.48 7.10 4.64
CA PHE B 34 -1.56 6.10 4.13
C PHE B 34 -0.16 6.65 3.85
N ASN B 35 0.29 7.60 4.66
CA ASN B 35 1.61 8.17 4.42
C ASN B 35 2.67 7.79 5.44
N MET B 36 2.30 7.03 6.46
CA MET B 36 3.26 6.63 7.48
C MET B 36 3.52 5.13 7.39
N PRO B 37 4.66 4.67 7.94
CA PRO B 37 4.92 3.23 7.87
C PRO B 37 4.06 2.50 8.89
N VAL B 38 3.88 1.21 8.68
CA VAL B 38 3.09 0.40 9.59
C VAL B 38 3.95 -0.77 10.01
N ASP B 39 3.94 -1.08 11.29
CA ASP B 39 4.69 -2.19 11.82
C ASP B 39 3.64 -3.14 12.42
N LEU B 40 3.44 -4.30 11.78
CA LEU B 40 2.45 -5.25 12.26
C LEU B 40 2.65 -5.79 13.68
N GLU B 41 3.89 -5.77 14.19
CA GLU B 41 4.10 -6.23 15.57
C GLU B 41 3.52 -5.15 16.47
N LEU B 42 3.57 -3.91 16.01
CA LEU B 42 3.01 -2.80 16.79
C LEU B 42 1.49 -2.89 16.71
N VAL B 43 0.98 -3.16 15.52
CA VAL B 43 -0.46 -3.25 15.36
C VAL B 43 -1.02 -4.35 16.25
N ALA B 44 -0.30 -5.46 16.37
CA ALA B 44 -0.76 -6.56 17.22
C ALA B 44 -0.77 -6.11 18.68
N LYS B 45 0.25 -5.35 19.08
CA LYS B 45 0.32 -4.87 20.47
C LYS B 45 -0.85 -3.94 20.77
N GLN B 46 -1.32 -3.23 19.75
CA GLN B 46 -2.44 -2.31 19.91
C GLN B 46 -3.79 -3.03 19.82
N ASN B 47 -3.75 -4.30 19.41
CA ASN B 47 -4.96 -5.12 19.30
C ASN B 47 -4.70 -6.42 20.01
N PRO B 48 -4.38 -6.33 21.32
CA PRO B 48 -4.07 -7.49 22.17
C PRO B 48 -5.12 -8.59 22.21
N ASN B 49 -6.38 -8.23 21.99
CA ASN B 49 -7.44 -9.25 22.05
C ASN B 49 -7.60 -10.08 20.79
N VAL B 50 -6.94 -9.67 19.70
CA VAL B 50 -7.01 -10.45 18.47
C VAL B 50 -6.07 -11.65 18.63
N LYS B 51 -6.63 -12.86 18.45
CA LYS B 51 -5.89 -14.10 18.58
C LYS B 51 -5.24 -14.63 17.30
N MET B 52 -4.33 -15.58 17.48
CA MET B 52 -3.58 -16.14 16.35
C MET B 52 -4.47 -16.43 15.16
N GLY B 53 -4.00 -16.01 13.98
CA GLY B 53 -4.76 -16.21 12.76
C GLY B 53 -5.71 -15.06 12.47
N GLY B 54 -5.66 -14.01 13.30
CA GLY B 54 -6.54 -12.86 13.15
C GLY B 54 -7.98 -13.14 13.52
N ARG B 55 -8.19 -13.85 14.63
CA ARG B 55 -9.53 -14.22 15.10
C ARG B 55 -9.93 -13.44 16.34
N TYR B 56 -11.19 -13.04 16.39
CA TYR B 56 -11.69 -12.26 17.52
C TYR B 56 -13.18 -12.41 17.75
N ALA B 57 -13.58 -12.34 19.02
CA ALA B 57 -14.98 -12.36 19.40
C ALA B 57 -15.04 -11.63 20.74
N PRO B 58 -16.09 -10.84 20.97
CA PRO B 58 -16.26 -10.08 22.22
C PRO B 58 -16.17 -10.99 23.44
N ARG B 59 -15.55 -10.46 24.48
CA ARG B 59 -15.38 -11.17 25.72
C ARG B 59 -16.62 -11.05 26.62
N ASP B 60 -17.33 -9.94 26.49
CA ASP B 60 -18.50 -9.69 27.35
C ASP B 60 -19.90 -10.03 26.84
N CYS B 61 -20.02 -10.43 25.57
CA CYS B 61 -21.33 -10.73 25.02
C CYS B 61 -21.16 -11.56 23.78
N VAL B 62 -22.24 -12.18 23.33
CA VAL B 62 -22.21 -13.04 22.15
C VAL B 62 -22.70 -12.31 20.89
N SER B 63 -21.89 -12.37 19.85
CA SER B 63 -22.23 -11.73 18.59
C SER B 63 -23.01 -12.67 17.66
N PRO B 64 -24.08 -12.16 17.04
CA PRO B 64 -24.87 -12.98 16.12
C PRO B 64 -24.15 -13.02 14.75
N HIS B 65 -23.14 -12.17 14.61
CA HIS B 65 -22.36 -12.09 13.38
C HIS B 65 -21.07 -12.94 13.40
N LYS B 66 -21.08 -14.03 12.66
CA LYS B 66 -19.91 -14.91 12.55
C LYS B 66 -19.40 -14.67 11.15
N VAL B 67 -18.40 -13.80 11.08
CA VAL B 67 -17.86 -13.33 9.83
C VAL B 67 -16.45 -13.69 9.41
N ALA B 68 -16.33 -14.21 8.18
CA ALA B 68 -14.99 -14.50 7.64
C ALA B 68 -14.75 -13.34 6.66
N ILE B 69 -13.64 -12.62 6.84
CA ILE B 69 -13.33 -11.51 5.94
C ILE B 69 -12.23 -12.03 5.02
N ILE B 70 -12.56 -12.05 3.73
CA ILE B 70 -11.71 -12.61 2.70
C ILE B 70 -11.11 -11.56 1.76
N ILE B 71 -9.78 -11.59 1.66
CA ILE B 71 -9.05 -10.64 0.84
C ILE B 71 -8.29 -11.34 -0.28
N PRO B 72 -8.58 -10.99 -1.56
CA PRO B 72 -7.89 -11.61 -2.71
C PRO B 72 -6.54 -10.93 -2.70
N PHE B 73 -5.47 -11.70 -2.93
CA PHE B 73 -4.15 -11.10 -2.75
C PHE B 73 -2.96 -11.69 -3.51
N ARG B 74 -2.03 -10.80 -3.85
CA ARG B 74 -0.73 -11.16 -4.41
C ARG B 74 0.11 -9.92 -4.48
N ASN B 75 1.29 -9.99 -3.86
CA ASN B 75 2.25 -8.88 -3.86
C ASN B 75 1.68 -7.53 -3.41
N ARG B 76 0.89 -7.53 -2.34
CA ARG B 76 0.30 -6.28 -1.85
C ARG B 76 0.55 -6.16 -0.34
N GLN B 77 1.70 -6.64 0.13
CA GLN B 77 1.99 -6.61 1.56
C GLN B 77 1.84 -5.24 2.22
N GLU B 78 2.30 -4.19 1.56
CA GLU B 78 2.21 -2.85 2.15
C GLU B 78 0.75 -2.39 2.34
N HIS B 79 -0.10 -2.73 1.37
CA HIS B 79 -1.51 -2.35 1.48
C HIS B 79 -2.15 -3.14 2.60
N LEU B 80 -1.84 -4.43 2.67
CA LEU B 80 -2.39 -5.29 3.72
C LEU B 80 -2.06 -4.75 5.11
N LYS B 81 -0.86 -4.19 5.27
CA LYS B 81 -0.48 -3.66 6.58
C LYS B 81 -1.40 -2.50 6.96
N TYR B 82 -1.70 -1.62 5.99
CA TYR B 82 -2.61 -0.52 6.28
C TYR B 82 -4.01 -1.08 6.55
N TRP B 83 -4.40 -2.10 5.78
CA TRP B 83 -5.72 -2.69 5.95
C TRP B 83 -5.89 -3.25 7.38
N LEU B 84 -4.90 -4.00 7.85
CA LEU B 84 -4.96 -4.60 9.18
C LEU B 84 -4.93 -3.52 10.27
N TYR B 85 -4.09 -2.52 10.08
CA TYR B 85 -3.97 -1.40 11.02
C TYR B 85 -5.31 -0.72 11.23
N TYR B 86 -6.03 -0.46 10.14
CA TYR B 86 -7.31 0.20 10.22
C TYR B 86 -8.52 -0.68 10.56
N LEU B 87 -8.65 -1.81 9.87
CA LEU B 87 -9.80 -2.67 10.11
C LEU B 87 -9.87 -3.39 11.44
N HIS B 88 -8.76 -3.89 11.98
CA HIS B 88 -8.90 -4.60 13.24
C HIS B 88 -9.58 -3.80 14.34
N PRO B 89 -9.17 -2.54 14.55
CA PRO B 89 -9.88 -1.82 15.62
C PRO B 89 -11.36 -1.63 15.31
N VAL B 90 -11.67 -1.43 14.02
CA VAL B 90 -13.05 -1.25 13.61
C VAL B 90 -13.90 -2.50 13.79
N LEU B 91 -13.40 -3.63 13.31
CA LEU B 91 -14.18 -4.87 13.44
C LEU B 91 -14.46 -5.22 14.89
N GLN B 92 -13.51 -4.94 15.78
CA GLN B 92 -13.72 -5.22 17.20
C GLN B 92 -14.77 -4.25 17.78
N ARG B 93 -14.73 -2.96 17.38
CA ARG B 93 -15.72 -2.01 17.88
C ARG B 93 -17.12 -2.42 17.42
N GLN B 94 -17.18 -3.08 16.26
CA GLN B 94 -18.47 -3.55 15.74
C GLN B 94 -18.95 -4.83 16.43
N GLN B 95 -18.18 -5.32 17.40
CA GLN B 95 -18.52 -6.51 18.17
C GLN B 95 -18.85 -7.76 17.34
N LEU B 96 -17.97 -8.04 16.37
CA LEU B 96 -18.12 -9.17 15.49
C LEU B 96 -17.28 -10.36 15.98
N ASP B 97 -17.72 -11.56 15.62
CA ASP B 97 -17.00 -12.81 15.94
C ASP B 97 -16.44 -13.01 14.54
N TYR B 98 -15.17 -12.64 14.34
CA TYR B 98 -14.62 -12.68 12.98
C TYR B 98 -13.24 -13.28 12.81
N GLY B 99 -12.91 -13.55 11.56
CA GLY B 99 -11.61 -14.09 11.19
C GLY B 99 -11.14 -13.46 9.90
N ILE B 100 -9.84 -13.16 9.81
CA ILE B 100 -9.27 -12.54 8.61
C ILE B 100 -8.52 -13.56 7.76
N TYR B 101 -8.89 -13.66 6.49
CA TYR B 101 -8.23 -14.57 5.56
C TYR B 101 -7.70 -13.89 4.30
N VAL B 102 -6.39 -14.00 4.11
CA VAL B 102 -5.72 -13.45 2.94
C VAL B 102 -5.48 -14.63 2.00
N ILE B 103 -6.12 -14.60 0.83
CA ILE B 103 -6.01 -15.65 -0.17
C ILE B 103 -4.98 -15.18 -1.17
N ASN B 104 -3.76 -15.68 -0.97
CA ASN B 104 -2.58 -15.34 -1.75
C ASN B 104 -2.46 -16.22 -3.01
N GLN B 105 -2.50 -15.59 -4.18
CA GLN B 105 -2.38 -16.35 -5.41
C GLN B 105 -0.92 -16.75 -5.68
N ALA B 106 -0.67 -18.05 -5.71
CA ALA B 106 0.68 -18.55 -5.98
C ALA B 106 1.03 -18.35 -7.46
N GLY B 107 2.33 -18.27 -7.77
CA GLY B 107 2.74 -18.12 -9.15
C GLY B 107 2.80 -16.73 -9.73
N ASP B 108 3.16 -16.67 -11.00
CA ASP B 108 3.31 -15.42 -11.71
C ASP B 108 2.45 -15.29 -12.97
N THR B 109 1.36 -16.04 -13.04
CA THR B 109 0.49 -15.92 -14.20
C THR B 109 -0.69 -14.98 -13.88
N ILE B 110 -1.55 -14.74 -14.85
CA ILE B 110 -2.67 -13.83 -14.70
C ILE B 110 -3.52 -14.01 -13.43
N PHE B 111 -3.75 -12.89 -12.74
CA PHE B 111 -4.53 -12.82 -11.50
C PHE B 111 -6.01 -13.17 -11.71
N ASN B 112 -6.60 -13.81 -10.71
CA ASN B 112 -8.01 -14.17 -10.79
C ASN B 112 -8.69 -13.90 -9.46
N ARG B 113 -9.06 -12.64 -9.29
CA ARG B 113 -9.70 -12.15 -8.08
C ARG B 113 -10.89 -12.97 -7.58
N ALA B 114 -11.89 -13.17 -8.44
CA ALA B 114 -13.08 -13.88 -8.01
C ALA B 114 -12.81 -15.34 -7.60
N LYS B 115 -11.91 -16.02 -8.29
CA LYS B 115 -11.61 -17.40 -7.94
C LYS B 115 -10.95 -17.44 -6.56
N LEU B 116 -10.09 -16.46 -6.26
CA LEU B 116 -9.45 -16.43 -4.95
C LEU B 116 -10.50 -16.22 -3.85
N LEU B 117 -11.55 -15.45 -4.16
CA LEU B 117 -12.59 -15.23 -3.15
C LEU B 117 -13.33 -16.54 -2.91
N ASN B 118 -13.57 -17.33 -3.96
CA ASN B 118 -14.27 -18.64 -3.80
C ASN B 118 -13.43 -19.54 -2.87
N VAL B 119 -12.12 -19.55 -3.09
CA VAL B 119 -11.21 -20.34 -2.27
C VAL B 119 -11.37 -19.90 -0.81
N GLY B 120 -11.41 -18.59 -0.59
CA GLY B 120 -11.57 -18.07 0.76
C GLY B 120 -12.84 -18.57 1.43
N PHE B 121 -13.95 -18.55 0.69
CA PHE B 121 -15.21 -19.02 1.24
C PHE B 121 -15.06 -20.49 1.69
N GLN B 122 -14.66 -21.32 0.74
CA GLN B 122 -14.54 -22.75 1.03
C GLN B 122 -13.52 -23.06 2.13
N GLU B 123 -12.35 -22.46 2.06
CA GLU B 123 -11.33 -22.73 3.07
C GLU B 123 -11.67 -22.18 4.46
N ALA B 124 -12.27 -20.99 4.55
CA ALA B 124 -12.60 -20.42 5.85
C ALA B 124 -13.60 -21.31 6.58
N LEU B 125 -14.50 -21.91 5.84
CA LEU B 125 -15.50 -22.78 6.45
C LEU B 125 -14.87 -24.01 7.16
N LYS B 126 -13.66 -24.41 6.76
CA LYS B 126 -13.02 -25.56 7.42
C LYS B 126 -12.52 -25.19 8.81
N ASP B 127 -12.39 -23.88 9.06
CA ASP B 127 -11.93 -23.37 10.35
C ASP B 127 -13.00 -23.20 11.40
N TYR B 128 -14.15 -22.68 10.96
CA TYR B 128 -15.19 -22.34 11.90
C TYR B 128 -16.51 -22.25 11.14
N ASP B 129 -17.63 -22.32 11.86
CA ASP B 129 -18.91 -22.26 11.18
C ASP B 129 -19.37 -20.83 10.92
N TYR B 130 -18.64 -20.15 10.03
CA TYR B 130 -18.97 -18.79 9.65
C TYR B 130 -20.28 -18.81 8.88
N THR B 131 -21.13 -17.81 9.10
CA THR B 131 -22.38 -17.72 8.38
C THR B 131 -22.45 -16.40 7.59
N CYS B 132 -21.36 -15.65 7.58
CA CYS B 132 -21.31 -14.38 6.85
C CYS B 132 -19.93 -14.16 6.27
N PHE B 133 -19.88 -13.72 5.02
CA PHE B 133 -18.61 -13.51 4.35
C PHE B 133 -18.47 -12.14 3.76
N VAL B 134 -17.45 -11.42 4.21
CA VAL B 134 -17.15 -10.11 3.68
C VAL B 134 -16.01 -10.31 2.70
N PHE B 135 -16.18 -9.84 1.47
CA PHE B 135 -15.14 -9.93 0.45
C PHE B 135 -14.62 -8.50 0.27
N SER B 136 -13.35 -8.28 0.62
CA SER B 136 -12.76 -6.95 0.54
C SER B 136 -11.45 -6.86 -0.22
N ASP B 137 -11.35 -5.92 -1.14
CA ASP B 137 -10.09 -5.75 -1.81
C ASP B 137 -9.14 -5.34 -0.69
N VAL B 138 -7.85 -5.54 -0.89
CA VAL B 138 -6.86 -5.23 0.13
C VAL B 138 -6.59 -3.75 0.33
N ASP B 139 -6.97 -2.92 -0.63
CA ASP B 139 -6.69 -1.48 -0.55
C ASP B 139 -7.86 -0.55 -0.29
N LEU B 140 -8.92 -1.08 0.31
CA LEU B 140 -10.07 -0.26 0.63
C LEU B 140 -10.27 -0.21 2.14
N ILE B 141 -10.33 1.00 2.68
CA ILE B 141 -10.49 1.21 4.11
C ILE B 141 -11.75 2.04 4.37
N PRO B 142 -12.66 1.54 5.22
CA PRO B 142 -13.90 2.29 5.51
C PRO B 142 -13.55 3.51 6.36
N MET B 143 -14.24 4.63 6.14
CA MET B 143 -13.97 5.84 6.91
C MET B 143 -14.91 6.05 8.09
N ASN B 144 -15.99 5.28 8.14
CA ASN B 144 -16.97 5.43 9.22
C ASN B 144 -17.32 4.05 9.78
N ASP B 145 -17.06 3.83 11.08
CA ASP B 145 -17.36 2.50 11.65
C ASP B 145 -18.82 2.15 11.78
N HIS B 146 -19.70 3.05 11.33
CA HIS B 146 -21.13 2.74 11.32
C HIS B 146 -21.41 1.91 10.05
N ASN B 147 -20.37 1.72 9.22
CA ASN B 147 -20.53 0.93 7.99
C ASN B 147 -20.29 -0.50 8.43
N ALA B 148 -21.37 -1.24 8.65
CA ALA B 148 -21.30 -2.61 9.15
C ALA B 148 -20.60 -3.64 8.29
N TYR B 149 -19.55 -4.26 8.83
CA TYR B 149 -18.85 -5.31 8.08
C TYR B 149 -19.47 -6.66 8.43
N ARG B 150 -20.76 -6.79 8.16
CA ARG B 150 -21.48 -8.03 8.39
C ARG B 150 -22.64 -8.16 7.39
N CYS B 151 -23.42 -9.22 7.53
CA CYS B 151 -24.48 -9.50 6.58
C CYS B 151 -25.88 -8.99 6.90
N PHE B 152 -26.67 -8.83 5.83
CA PHE B 152 -28.04 -8.34 5.92
C PHE B 152 -29.03 -9.30 5.25
N SER B 153 -30.32 -8.99 5.32
CA SER B 153 -31.30 -9.89 4.71
C SER B 153 -31.11 -9.94 3.20
N GLN B 154 -30.42 -8.95 2.66
CA GLN B 154 -30.14 -8.96 1.22
C GLN B 154 -28.63 -8.74 1.10
N PRO B 155 -28.02 -9.13 -0.04
CA PRO B 155 -26.59 -8.97 -0.31
C PRO B 155 -26.20 -7.52 0.00
N ARG B 156 -25.10 -7.32 0.72
CA ARG B 156 -24.67 -5.99 1.13
C ARG B 156 -23.48 -5.41 0.36
N HIS B 157 -23.66 -4.21 -0.22
CA HIS B 157 -22.55 -3.56 -0.91
C HIS B 157 -22.03 -2.59 0.13
N ILE B 158 -20.75 -2.71 0.49
CA ILE B 158 -20.18 -1.89 1.55
C ILE B 158 -19.38 -0.65 1.19
N SER B 159 -18.50 -0.73 0.20
CA SER B 159 -17.69 0.43 -0.20
C SER B 159 -18.52 1.22 -1.21
N VAL B 160 -19.57 1.86 -0.73
CA VAL B 160 -20.47 2.59 -1.60
C VAL B 160 -20.01 3.97 -2.04
N ALA B 161 -19.18 4.63 -1.24
CA ALA B 161 -18.71 5.97 -1.61
C ALA B 161 -17.19 6.07 -1.52
N MET B 162 -16.52 5.51 -2.51
CA MET B 162 -15.08 5.50 -2.56
C MET B 162 -14.54 6.83 -3.07
N ASP B 163 -13.46 7.30 -2.46
CA ASP B 163 -12.88 8.56 -2.90
C ASP B 163 -12.50 8.53 -4.39
N LYS B 164 -12.02 7.39 -4.87
CA LYS B 164 -11.61 7.32 -6.26
C LYS B 164 -12.75 7.42 -7.25
N PHE B 165 -13.98 7.33 -6.77
CA PHE B 165 -15.15 7.47 -7.61
C PHE B 165 -15.91 8.75 -7.19
N GLY B 166 -15.17 9.72 -6.65
CA GLY B 166 -15.76 10.98 -6.22
C GLY B 166 -16.75 10.84 -5.06
N PHE B 167 -16.50 9.90 -4.17
CA PHE B 167 -17.38 9.68 -3.02
C PHE B 167 -18.82 9.34 -3.37
N SER B 168 -19.01 8.55 -4.41
CA SER B 168 -20.34 8.08 -4.81
C SER B 168 -20.18 6.82 -5.64
N LEU B 169 -21.27 6.17 -5.97
CA LEU B 169 -21.22 4.98 -6.81
C LEU B 169 -20.88 5.34 -8.25
N PRO B 170 -19.98 4.57 -8.89
CA PRO B 170 -19.64 4.89 -10.27
C PRO B 170 -20.86 4.63 -11.17
N TYR B 171 -21.68 3.67 -10.75
CA TYR B 171 -22.93 3.37 -11.47
C TYR B 171 -23.77 2.61 -10.48
N VAL B 172 -25.09 2.70 -10.60
CA VAL B 172 -25.94 2.06 -9.61
C VAL B 172 -25.83 0.55 -9.42
N GLN B 173 -25.39 -0.17 -10.44
CA GLN B 173 -25.26 -1.62 -10.26
C GLN B 173 -23.85 -2.04 -9.87
N TYR B 174 -23.02 -1.07 -9.50
CA TYR B 174 -21.64 -1.36 -9.09
C TYR B 174 -21.61 -2.18 -7.79
N PHE B 175 -20.94 -3.32 -7.83
CA PHE B 175 -20.87 -4.20 -6.66
C PHE B 175 -19.43 -4.57 -6.33
N GLY B 176 -18.49 -3.74 -6.75
CA GLY B 176 -17.10 -4.04 -6.48
C GLY B 176 -16.55 -3.45 -5.19
N GLY B 177 -15.29 -3.78 -4.90
CA GLY B 177 -14.66 -3.24 -3.73
C GLY B 177 -14.83 -4.09 -2.50
N VAL B 178 -15.86 -3.77 -1.72
CA VAL B 178 -16.15 -4.48 -0.48
C VAL B 178 -17.61 -4.83 -0.42
N SER B 179 -17.89 -6.11 -0.16
CA SER B 179 -19.28 -6.56 -0.06
C SER B 179 -19.41 -7.70 0.96
N ALA B 180 -20.64 -8.00 1.35
CA ALA B 180 -20.87 -9.08 2.31
C ALA B 180 -22.07 -9.91 1.89
N LEU B 181 -21.88 -11.23 1.85
CA LEU B 181 -22.98 -12.13 1.52
C LEU B 181 -23.05 -13.16 2.63
N SER B 182 -24.27 -13.49 3.06
CA SER B 182 -24.46 -14.51 4.08
C SER B 182 -24.10 -15.82 3.39
N LYS B 183 -23.90 -16.86 4.18
CA LYS B 183 -23.59 -18.16 3.62
C LYS B 183 -24.67 -18.56 2.61
N GLN B 184 -25.93 -18.43 3.01
CA GLN B 184 -27.02 -18.82 2.10
C GLN B 184 -27.06 -18.02 0.81
N GLN B 185 -26.83 -16.71 0.90
CA GLN B 185 -26.80 -15.87 -0.29
C GLN B 185 -25.71 -16.35 -1.25
N PHE B 186 -24.53 -16.66 -0.70
CA PHE B 186 -23.41 -17.12 -1.52
C PHE B 186 -23.75 -18.45 -2.19
N LEU B 187 -24.23 -19.40 -1.39
CA LEU B 187 -24.59 -20.71 -1.93
C LEU B 187 -25.69 -20.62 -2.99
N THR B 188 -26.63 -19.70 -2.79
CA THR B 188 -27.73 -19.53 -3.74
C THR B 188 -27.29 -19.18 -5.15
N ILE B 189 -26.19 -18.45 -5.29
CA ILE B 189 -25.71 -18.08 -6.63
C ILE B 189 -24.56 -18.97 -7.10
N ASN B 190 -24.34 -20.09 -6.42
CA ASN B 190 -23.25 -20.99 -6.78
C ASN B 190 -21.92 -20.25 -6.68
N GLY B 191 -21.78 -19.43 -5.63
CA GLY B 191 -20.55 -18.68 -5.45
C GLY B 191 -20.23 -17.75 -6.60
N PHE B 192 -18.95 -17.44 -6.77
CA PHE B 192 -18.51 -16.53 -7.81
C PHE B 192 -17.94 -17.24 -9.04
N PRO B 193 -17.91 -16.55 -10.18
CA PRO B 193 -17.38 -17.17 -11.40
C PRO B 193 -15.87 -17.47 -11.22
N ASN B 194 -15.39 -18.52 -11.89
CA ASN B 194 -13.98 -18.93 -11.85
C ASN B 194 -13.20 -18.53 -13.10
N ASN B 195 -13.91 -18.12 -14.13
CA ASN B 195 -13.24 -17.79 -15.38
C ASN B 195 -13.05 -16.33 -15.78
N TYR B 196 -13.00 -15.44 -14.80
CA TYR B 196 -12.71 -14.05 -15.11
C TYR B 196 -11.22 -13.85 -14.82
N TRP B 197 -10.38 -13.90 -15.85
CA TRP B 197 -8.94 -13.73 -15.63
C TRP B 197 -8.50 -12.33 -15.97
N GLY B 198 -7.73 -11.72 -15.08
CA GLY B 198 -7.30 -10.36 -15.33
C GLY B 198 -8.39 -9.45 -14.81
N TRP B 199 -8.12 -8.15 -14.87
CA TRP B 199 -9.01 -7.10 -14.36
C TRP B 199 -10.36 -6.87 -15.02
N GLY B 200 -11.38 -6.65 -14.19
CA GLY B 200 -12.71 -6.30 -14.69
C GLY B 200 -13.82 -7.29 -14.96
N GLY B 201 -15.06 -6.83 -14.69
CA GLY B 201 -16.26 -7.64 -14.92
C GLY B 201 -16.71 -8.70 -13.93
N GLU B 202 -15.78 -9.28 -13.16
CA GLU B 202 -16.21 -10.33 -12.25
C GLU B 202 -17.19 -9.80 -11.22
N ASP B 203 -17.04 -8.53 -10.83
CA ASP B 203 -17.96 -7.96 -9.85
C ASP B 203 -19.34 -7.72 -10.48
N ASP B 204 -19.37 -7.38 -11.76
CA ASP B 204 -20.65 -7.20 -12.43
C ASP B 204 -21.34 -8.56 -12.58
N ASP B 205 -20.54 -9.60 -12.85
CA ASP B 205 -21.08 -10.94 -13.00
C ASP B 205 -21.75 -11.34 -11.69
N ILE B 206 -21.09 -11.08 -10.56
CA ILE B 206 -21.65 -11.41 -9.25
C ILE B 206 -22.96 -10.65 -9.04
N PHE B 207 -22.98 -9.38 -9.41
CA PHE B 207 -24.21 -8.59 -9.27
C PHE B 207 -25.33 -9.28 -10.07
N ASN B 208 -25.01 -9.67 -11.30
CA ASN B 208 -25.98 -10.34 -12.17
C ASN B 208 -26.52 -11.61 -11.50
N ARG B 209 -25.62 -12.41 -10.95
CA ARG B 209 -26.01 -13.67 -10.30
C ARG B 209 -27.04 -13.41 -9.19
N LEU B 210 -26.74 -12.45 -8.33
CA LEU B 210 -27.63 -12.11 -7.23
C LEU B 210 -29.02 -11.72 -7.72
N VAL B 211 -29.08 -10.86 -8.73
CA VAL B 211 -30.35 -10.40 -9.29
C VAL B 211 -31.10 -11.54 -9.94
N PHE B 212 -30.37 -12.43 -10.63
CA PHE B 212 -31.02 -13.56 -11.26
C PHE B 212 -31.60 -14.49 -10.22
N ARG B 213 -31.10 -14.41 -8.99
CA ARG B 213 -31.63 -15.24 -7.91
C ARG B 213 -32.61 -14.48 -7.03
N GLY B 214 -33.17 -13.41 -7.57
CA GLY B 214 -34.18 -12.62 -6.88
C GLY B 214 -33.79 -11.67 -5.77
N MET B 215 -32.50 -11.41 -5.60
CA MET B 215 -32.07 -10.52 -4.54
C MET B 215 -31.84 -9.09 -5.03
N SER B 216 -31.76 -8.17 -4.09
CA SER B 216 -31.52 -6.78 -4.42
C SER B 216 -30.31 -6.38 -3.58
N ILE B 217 -29.66 -5.28 -3.94
CA ILE B 217 -28.48 -4.85 -3.21
C ILE B 217 -28.82 -3.90 -2.07
N SER B 218 -28.36 -4.24 -0.86
CA SER B 218 -28.57 -3.39 0.32
C SER B 218 -27.30 -2.55 0.50
N ARG B 219 -27.45 -1.27 0.87
CA ARG B 219 -26.29 -0.37 1.06
C ARG B 219 -26.47 0.68 2.15
N PRO B 220 -25.38 1.06 2.85
CA PRO B 220 -25.55 2.11 3.88
C PRO B 220 -25.63 3.41 3.07
N ASN B 221 -25.86 4.56 3.71
CA ASN B 221 -25.92 5.80 2.94
C ASN B 221 -24.52 6.21 2.50
N ALA B 222 -24.45 7.21 1.63
CA ALA B 222 -23.20 7.69 1.08
C ALA B 222 -22.19 8.22 2.08
N VAL B 223 -22.66 8.77 3.18
CA VAL B 223 -21.76 9.32 4.18
C VAL B 223 -21.20 8.19 5.04
N VAL B 224 -22.07 7.32 5.53
CA VAL B 224 -21.63 6.19 6.33
C VAL B 224 -20.73 5.28 5.47
N GLY B 225 -21.03 5.18 4.18
CA GLY B 225 -20.26 4.32 3.29
C GLY B 225 -19.04 4.90 2.61
N THR B 226 -18.56 6.05 3.07
CA THR B 226 -17.39 6.63 2.44
C THR B 226 -16.21 5.74 2.70
N THR B 227 -15.47 5.46 1.63
CA THR B 227 -14.33 4.58 1.72
C THR B 227 -13.09 5.16 1.03
N ARG B 228 -11.92 4.86 1.59
CA ARG B 228 -10.66 5.32 1.02
C ARG B 228 -9.93 4.20 0.30
N HIS B 229 -9.44 4.49 -0.89
CA HIS B 229 -8.68 3.55 -1.69
C HIS B 229 -7.22 3.98 -1.60
N ILE B 230 -6.32 3.03 -1.38
CA ILE B 230 -4.91 3.40 -1.32
C ILE B 230 -4.44 3.54 -2.77
N ARG B 231 -4.11 4.77 -3.17
CA ARG B 231 -3.64 5.02 -4.53
C ARG B 231 -2.46 4.12 -4.84
N HIS B 232 -2.52 3.45 -5.98
CA HIS B 232 -1.45 2.54 -6.39
C HIS B 232 -1.35 2.51 -7.91
N SER B 233 -0.17 2.15 -8.41
CA SER B 233 0.02 2.03 -9.85
C SER B 233 -0.53 0.67 -10.24
N ARG B 234 -0.74 0.44 -11.53
CA ARG B 234 -1.28 -0.85 -11.97
C ARG B 234 -0.32 -1.99 -11.70
N ASP B 235 -0.86 -3.13 -11.28
CA ASP B 235 -0.02 -4.30 -11.02
C ASP B 235 0.23 -4.97 -12.36
N LYS B 236 1.29 -5.76 -12.43
CA LYS B 236 1.53 -6.50 -13.65
C LYS B 236 0.66 -7.73 -13.46
N LYS B 237 0.33 -8.40 -14.55
CA LYS B 237 -0.46 -9.63 -14.53
C LYS B 237 -1.92 -9.56 -14.12
N ASN B 238 -2.52 -8.38 -14.26
CA ASN B 238 -3.95 -8.24 -14.00
C ASN B 238 -4.49 -7.23 -15.03
N GLU B 239 -4.04 -7.38 -16.28
CA GLU B 239 -4.47 -6.49 -17.35
C GLU B 239 -5.97 -6.61 -17.61
N PRO B 240 -6.63 -5.52 -18.01
CA PRO B 240 -8.07 -5.60 -18.28
C PRO B 240 -8.36 -6.80 -19.16
N ASN B 241 -9.34 -7.60 -18.77
CA ASN B 241 -9.73 -8.78 -19.50
C ASN B 241 -10.56 -8.43 -20.74
N PRO B 242 -10.02 -8.66 -21.94
CA PRO B 242 -10.72 -8.36 -23.20
C PRO B 242 -12.07 -9.06 -23.30
N GLN B 243 -12.18 -10.25 -22.70
CA GLN B 243 -13.42 -11.02 -22.76
C GLN B 243 -14.49 -10.64 -21.73
N ARG B 244 -14.16 -9.73 -20.82
CA ARG B 244 -15.11 -9.38 -19.76
C ARG B 244 -16.51 -8.95 -20.17
N PHE B 245 -16.63 -8.12 -21.21
CA PHE B 245 -17.95 -7.69 -21.63
C PHE B 245 -18.77 -8.85 -22.12
N ASP B 246 -18.16 -9.75 -22.87
CA ASP B 246 -18.89 -10.90 -23.36
C ASP B 246 -19.30 -11.81 -22.20
N ARG B 247 -18.37 -12.03 -21.27
CA ARG B 247 -18.70 -12.88 -20.13
C ARG B 247 -19.85 -12.38 -19.25
N ILE B 248 -19.87 -11.09 -18.90
CA ILE B 248 -20.95 -10.59 -18.05
C ILE B 248 -22.30 -10.64 -18.75
N ALA B 249 -22.28 -10.69 -20.09
CA ALA B 249 -23.50 -10.76 -20.88
C ALA B 249 -24.09 -12.17 -20.84
N HIS B 250 -23.30 -13.16 -20.40
CA HIS B 250 -23.78 -14.53 -20.33
C HIS B 250 -23.85 -15.12 -18.93
N THR B 251 -23.86 -14.26 -17.92
CA THR B 251 -23.91 -14.75 -16.54
C THR B 251 -25.04 -15.73 -16.25
N LYS B 252 -26.25 -15.42 -16.68
CA LYS B 252 -27.37 -16.31 -16.42
C LYS B 252 -27.12 -17.73 -16.96
N GLU B 253 -26.49 -17.80 -18.12
CA GLU B 253 -26.21 -19.07 -18.78
C GLU B 253 -25.05 -19.87 -18.19
N THR B 254 -24.10 -19.18 -17.58
CA THR B 254 -22.94 -19.85 -17.04
C THR B 254 -22.90 -20.05 -15.53
N MET B 255 -23.65 -19.24 -14.79
CA MET B 255 -23.62 -19.32 -13.33
C MET B 255 -23.98 -20.68 -12.73
N LEU B 256 -24.85 -21.44 -13.38
CA LEU B 256 -25.24 -22.73 -12.82
C LEU B 256 -24.13 -23.77 -12.85
N SER B 257 -23.28 -23.73 -13.87
CA SER B 257 -22.19 -24.71 -14.01
C SER B 257 -20.79 -24.16 -13.75
N ASP B 258 -20.69 -22.87 -13.50
CA ASP B 258 -19.38 -22.29 -13.24
C ASP B 258 -19.40 -21.54 -11.91
N GLY B 259 -18.69 -22.07 -10.93
CA GLY B 259 -18.64 -21.40 -9.64
C GLY B 259 -18.19 -22.32 -8.54
N LEU B 260 -18.89 -22.29 -7.42
CA LEU B 260 -18.55 -23.11 -6.28
C LEU B 260 -18.57 -24.58 -6.67
N ASN B 261 -19.53 -24.99 -7.49
CA ASN B 261 -19.62 -26.39 -7.89
C ASN B 261 -18.57 -26.85 -8.90
N SER B 262 -17.82 -25.94 -9.49
CA SER B 262 -16.79 -26.34 -10.46
C SER B 262 -15.42 -25.88 -10.02
N LEU B 263 -15.35 -25.40 -8.78
CA LEU B 263 -14.11 -24.87 -8.23
C LEU B 263 -12.98 -25.89 -7.99
N THR B 264 -11.80 -25.62 -8.54
CA THR B 264 -10.65 -26.50 -8.30
C THR B 264 -9.44 -25.64 -8.06
N TYR B 265 -8.59 -26.08 -7.14
CA TYR B 265 -7.37 -25.35 -6.79
C TYR B 265 -6.51 -26.25 -5.92
N GLN B 266 -5.26 -25.84 -5.72
CA GLN B 266 -4.34 -26.58 -4.89
C GLN B 266 -3.72 -25.64 -3.84
N VAL B 267 -4.05 -25.88 -2.57
CA VAL B 267 -3.50 -25.08 -1.50
C VAL B 267 -2.03 -25.47 -1.32
N LEU B 268 -1.14 -24.49 -1.37
CA LEU B 268 0.28 -24.75 -1.22
C LEU B 268 0.75 -24.54 0.22
N ASP B 269 0.03 -23.71 0.99
CA ASP B 269 0.47 -23.43 2.35
C ASP B 269 -0.62 -22.66 3.08
N VAL B 270 -0.68 -22.85 4.39
CA VAL B 270 -1.62 -22.16 5.25
C VAL B 270 -0.72 -21.62 6.36
N GLN B 271 -0.72 -20.31 6.56
CA GLN B 271 0.13 -19.74 7.59
C GLN B 271 -0.69 -18.86 8.52
N ARG B 272 -0.62 -19.15 9.81
CA ARG B 272 -1.34 -18.38 10.80
C ARG B 272 -0.43 -17.27 11.33
N TYR B 273 -0.82 -16.02 11.12
CA TYR B 273 -0.04 -14.90 11.64
C TYR B 273 -0.88 -14.33 12.76
N PRO B 274 -0.30 -13.45 13.58
CA PRO B 274 -1.11 -12.91 14.66
C PRO B 274 -2.40 -12.20 14.21
N LEU B 275 -2.30 -11.44 13.13
CA LEU B 275 -3.42 -10.64 12.64
C LEU B 275 -4.17 -11.19 11.44
N TYR B 276 -3.79 -12.38 10.96
CA TYR B 276 -4.47 -12.97 9.82
C TYR B 276 -3.96 -14.34 9.45
N THR B 277 -4.79 -15.06 8.71
CA THR B 277 -4.45 -16.37 8.21
C THR B 277 -4.21 -16.17 6.71
N GLN B 278 -3.08 -16.65 6.22
CA GLN B 278 -2.76 -16.54 4.79
C GLN B 278 -2.75 -17.93 4.17
N ILE B 279 -3.61 -18.12 3.18
CA ILE B 279 -3.74 -19.37 2.45
C ILE B 279 -3.20 -19.08 1.06
N THR B 280 -2.08 -19.73 0.69
CA THR B 280 -1.48 -19.51 -0.62
C THR B 280 -1.99 -20.63 -1.50
N VAL B 281 -2.46 -20.28 -2.68
CA VAL B 281 -3.07 -21.29 -3.52
C VAL B 281 -2.73 -21.19 -5.00
N ASP B 282 -2.65 -22.35 -5.63
CA ASP B 282 -2.40 -22.43 -7.06
C ASP B 282 -3.82 -22.53 -7.66
N ILE B 283 -4.28 -21.46 -8.29
CA ILE B 283 -5.63 -21.49 -8.86
C ILE B 283 -5.64 -21.72 -10.36
N GLY B 284 -4.49 -22.13 -10.90
CA GLY B 284 -4.41 -22.42 -12.32
C GLY B 284 -4.28 -21.26 -13.28
N THR B 285 -4.43 -21.60 -14.55
CA THR B 285 -4.30 -20.61 -15.61
C THR B 285 -5.48 -20.65 -16.59
N PRO B 286 -5.66 -19.60 -17.39
CA PRO B 286 -6.76 -19.56 -18.36
C PRO B 286 -6.59 -20.76 -19.29
N SER B 287 -7.70 -21.36 -19.72
CA SER B 287 -7.62 -22.52 -20.61
C SER B 287 -7.51 -22.08 -22.06
N LEU C 16 -12.86 15.27 -13.28
CA LEU C 16 -13.30 14.91 -11.90
C LEU C 16 -14.74 15.30 -11.64
N PRO C 17 -15.47 14.48 -10.87
CA PRO C 17 -16.87 14.79 -10.55
C PRO C 17 -16.89 15.89 -9.50
N ALA C 18 -18.04 16.51 -9.33
CA ALA C 18 -18.15 17.56 -8.33
C ALA C 18 -18.11 16.86 -6.97
N CYS C 19 -17.60 17.53 -5.94
CA CYS C 19 -17.58 16.95 -4.61
C CYS C 19 -19.02 16.99 -4.09
N PRO C 20 -19.38 16.08 -3.18
CA PRO C 20 -20.77 16.13 -2.70
C PRO C 20 -21.05 17.49 -2.08
N GLU C 21 -22.31 17.91 -2.09
CA GLU C 21 -22.71 19.20 -1.56
C GLU C 21 -22.12 19.45 -0.19
N GLU C 22 -22.20 18.46 0.69
CA GLU C 22 -21.63 18.60 2.01
C GLU C 22 -20.57 17.54 2.12
N SER C 23 -19.46 17.84 2.76
CA SER C 23 -18.41 16.85 2.87
C SER C 23 -18.78 15.65 3.72
N PRO C 24 -18.46 14.44 3.24
CA PRO C 24 -18.76 13.21 3.99
C PRO C 24 -17.63 12.87 4.96
N LEU C 25 -16.59 13.72 4.99
CA LEU C 25 -15.42 13.49 5.83
C LEU C 25 -15.40 14.16 7.20
N LEU C 26 -16.40 14.97 7.48
CA LEU C 26 -16.49 15.70 8.74
C LEU C 26 -16.60 14.82 9.98
N VAL C 27 -15.99 15.26 11.08
CA VAL C 27 -16.02 14.51 12.32
C VAL C 27 -16.72 15.30 13.41
N GLY C 28 -17.06 16.55 13.12
CA GLY C 28 -17.75 17.35 14.12
C GLY C 28 -16.87 17.89 15.23
N PRO C 29 -17.30 17.78 16.51
CA PRO C 29 -16.58 18.26 17.69
C PRO C 29 -15.16 17.73 17.78
N MET C 30 -14.21 18.60 18.08
CA MET C 30 -12.80 18.20 18.19
C MET C 30 -12.20 18.70 19.50
N LEU C 31 -11.07 18.11 19.89
CA LEU C 31 -10.39 18.53 21.10
C LEU C 31 -9.34 19.58 20.71
N ILE C 32 -9.43 20.76 21.31
CA ILE C 32 -8.51 21.87 21.02
C ILE C 32 -7.65 22.23 22.23
N GLU C 33 -6.33 22.20 22.09
CA GLU C 33 -5.41 22.56 23.17
C GLU C 33 -4.26 23.44 22.73
N PHE C 34 -3.92 24.43 23.55
CA PHE C 34 -2.83 25.35 23.25
C PHE C 34 -1.73 25.31 24.30
N ASN C 35 -1.32 24.13 24.72
CA ASN C 35 -0.27 24.06 25.74
C ASN C 35 0.88 23.16 25.34
N MET C 36 1.06 22.94 24.05
CA MET C 36 2.16 22.10 23.59
C MET C 36 2.91 22.79 22.47
N PRO C 37 4.18 22.43 22.28
CA PRO C 37 4.94 23.07 21.20
C PRO C 37 4.48 22.58 19.85
N VAL C 38 4.46 23.48 18.87
CA VAL C 38 4.06 23.11 17.52
C VAL C 38 5.27 23.26 16.62
N ASP C 39 5.59 22.21 15.89
CA ASP C 39 6.72 22.22 14.96
C ASP C 39 6.16 22.16 13.54
N LEU C 40 6.16 23.31 12.87
CA LEU C 40 5.61 23.40 11.52
C LEU C 40 6.20 22.42 10.52
N GLU C 41 7.41 21.94 10.74
CA GLU C 41 7.98 20.98 9.80
C GLU C 41 7.21 19.68 9.96
N LEU C 42 6.73 19.43 11.16
CA LEU C 42 5.96 18.23 11.47
C LEU C 42 4.53 18.40 10.95
N VAL C 43 3.97 19.59 11.15
CA VAL C 43 2.61 19.84 10.67
C VAL C 43 2.54 19.60 9.15
N ALA C 44 3.62 19.96 8.45
CA ALA C 44 3.65 19.78 6.99
C ALA C 44 3.67 18.30 6.66
N LYS C 45 4.43 17.52 7.44
CA LYS C 45 4.48 16.09 7.19
C LYS C 45 3.14 15.45 7.54
N GLN C 46 2.40 16.08 8.45
CA GLN C 46 1.08 15.58 8.83
C GLN C 46 0.04 15.99 7.81
N ASN C 47 0.36 17.01 7.02
CA ASN C 47 -0.54 17.53 5.99
C ASN C 47 0.18 17.51 4.64
N PRO C 48 0.59 16.31 4.20
CA PRO C 48 1.32 16.11 2.94
C PRO C 48 0.65 16.67 1.70
N ASN C 49 -0.68 16.75 1.70
CA ASN C 49 -1.38 17.24 0.53
C ASN C 49 -1.41 18.76 0.37
N VAL C 50 -1.03 19.49 1.41
CA VAL C 50 -0.98 20.95 1.33
C VAL C 50 0.25 21.32 0.49
N LYS C 51 0.04 22.03 -0.62
CA LYS C 51 1.14 22.43 -1.50
C LYS C 51 1.81 23.73 -1.05
N MET C 52 3.04 23.96 -1.51
CA MET C 52 3.79 25.17 -1.13
C MET C 52 2.92 26.42 -1.20
N GLY C 53 3.07 27.28 -0.21
CA GLY C 53 2.27 28.49 -0.15
C GLY C 53 0.94 28.24 0.54
N GLY C 54 0.77 27.03 1.09
CA GLY C 54 -0.46 26.69 1.79
C GLY C 54 -1.70 26.56 0.90
N ARG C 55 -1.56 25.83 -0.20
CA ARG C 55 -2.64 25.64 -1.14
C ARG C 55 -3.10 24.19 -1.12
N TYR C 56 -4.41 23.99 -1.24
CA TYR C 56 -4.97 22.64 -1.26
C TYR C 56 -6.27 22.57 -2.02
N ALA C 57 -6.45 21.44 -2.71
CA ALA C 57 -7.70 21.17 -3.42
C ALA C 57 -7.82 19.65 -3.45
N PRO C 58 -9.05 19.12 -3.34
CA PRO C 58 -9.16 17.65 -3.36
C PRO C 58 -8.77 17.01 -4.68
N ARG C 59 -8.13 15.85 -4.61
CA ARG C 59 -7.72 15.10 -5.79
C ARG C 59 -8.89 14.38 -6.45
N ASP C 60 -9.85 13.97 -5.65
CA ASP C 60 -10.95 13.16 -6.16
C ASP C 60 -12.20 13.85 -6.67
N CYS C 61 -12.34 15.13 -6.41
CA CYS C 61 -13.55 15.81 -6.86
C CYS C 61 -13.29 17.31 -6.91
N VAL C 62 -14.17 18.02 -7.58
CA VAL C 62 -14.05 19.46 -7.72
C VAL C 62 -14.91 20.11 -6.67
N SER C 63 -14.28 20.96 -5.86
CA SER C 63 -15.00 21.70 -4.83
C SER C 63 -15.60 22.95 -5.46
N PRO C 64 -16.80 23.37 -5.02
CA PRO C 64 -17.44 24.57 -5.58
C PRO C 64 -17.00 25.78 -4.73
N HIS C 65 -16.19 25.51 -3.71
CA HIS C 65 -15.71 26.55 -2.83
C HIS C 65 -14.25 26.86 -3.10
N LYS C 66 -13.99 28.06 -3.65
CA LYS C 66 -12.63 28.50 -3.97
C LYS C 66 -12.43 29.59 -2.95
N VAL C 67 -11.76 29.22 -1.86
CA VAL C 67 -11.57 30.07 -0.70
C VAL C 67 -10.18 30.58 -0.36
N ALA C 68 -10.07 31.90 -0.20
CA ALA C 68 -8.82 32.48 0.19
C ALA C 68 -9.00 32.81 1.67
N ILE C 69 -8.23 32.17 2.55
CA ILE C 69 -8.33 32.44 3.99
C ILE C 69 -7.31 33.54 4.31
N ILE C 70 -7.81 34.65 4.83
CA ILE C 70 -6.95 35.81 5.09
C ILE C 70 -6.82 36.20 6.56
N ILE C 71 -5.59 36.21 7.04
CA ILE C 71 -5.27 36.52 8.42
C ILE C 71 -4.49 37.83 8.62
N PRO C 72 -5.07 38.81 9.34
CA PRO C 72 -4.37 40.09 9.58
C PRO C 72 -3.25 39.70 10.53
N PHE C 73 -2.03 40.16 10.29
CA PHE C 73 -0.93 39.70 11.11
C PHE C 73 0.26 40.64 11.36
N ARG C 74 0.89 40.45 12.52
CA ARG C 74 2.10 41.12 12.96
C ARG C 74 2.51 40.62 14.33
N ASN C 75 3.68 40.00 14.37
CA ASN C 75 4.24 39.46 15.61
C ASN C 75 3.28 38.53 16.38
N ARG C 76 2.73 37.53 15.69
CA ARG C 76 1.83 36.55 16.33
C ARG C 76 2.19 35.17 15.79
N GLN C 77 3.49 34.91 15.63
CA GLN C 77 3.95 33.65 15.09
C GLN C 77 3.57 32.42 15.91
N GLU C 78 3.57 32.54 17.23
CA GLU C 78 3.22 31.41 18.08
C GLU C 78 1.76 31.05 17.86
N HIS C 79 0.90 32.06 17.78
CA HIS C 79 -0.51 31.82 17.54
C HIS C 79 -0.72 31.21 16.16
N LEU C 80 -0.03 31.73 15.16
CA LEU C 80 -0.15 31.22 13.80
C LEU C 80 0.22 29.73 13.73
N LYS C 81 1.19 29.32 14.53
CA LYS C 81 1.59 27.92 14.52
C LYS C 81 0.41 27.04 14.95
N TYR C 82 -0.37 27.51 15.92
CA TYR C 82 -1.53 26.77 16.39
C TYR C 82 -2.65 26.81 15.35
N TRP C 83 -2.87 28.00 14.78
CA TRP C 83 -3.89 28.18 13.78
C TRP C 83 -3.66 27.21 12.62
N LEU C 84 -2.42 27.13 12.16
CA LEU C 84 -2.08 26.26 11.05
C LEU C 84 -2.25 24.78 11.41
N TYR C 85 -1.82 24.44 12.63
CA TYR C 85 -1.90 23.07 13.14
C TYR C 85 -3.34 22.56 13.14
N TYR C 86 -4.26 23.40 13.62
CA TYR C 86 -5.66 23.05 13.71
C TYR C 86 -6.48 23.28 12.45
N LEU C 87 -6.31 24.42 11.78
CA LEU C 87 -7.10 24.68 10.59
C LEU C 87 -6.82 23.84 9.35
N HIS C 88 -5.56 23.50 9.08
CA HIS C 88 -5.29 22.73 7.87
C HIS C 88 -6.03 21.37 7.82
N PRO C 89 -6.04 20.59 8.92
CA PRO C 89 -6.76 19.32 8.81
C PRO C 89 -8.24 19.56 8.55
N VAL C 90 -8.78 20.56 9.23
CA VAL C 90 -10.18 20.94 9.12
C VAL C 90 -10.61 21.40 7.73
N LEU C 91 -9.82 22.29 7.13
CA LEU C 91 -10.13 22.83 5.82
C LEU C 91 -10.10 21.73 4.76
N GLN C 92 -9.20 20.77 4.92
CA GLN C 92 -9.12 19.67 3.96
C GLN C 92 -10.32 18.74 4.08
N ARG C 93 -10.77 18.48 5.31
CA ARG C 93 -11.93 17.62 5.50
C ARG C 93 -13.19 18.32 4.96
N GLN C 94 -13.17 19.66 4.90
CA GLN C 94 -14.31 20.40 4.35
C GLN C 94 -14.24 20.43 2.82
N GLN C 95 -13.25 19.73 2.27
CA GLN C 95 -13.08 19.62 0.81
C GLN C 95 -13.09 20.96 0.08
N LEU C 96 -12.33 21.92 0.58
CA LEU C 96 -12.25 23.24 -0.03
C LEU C 96 -11.04 23.35 -0.96
N ASP C 97 -11.12 24.26 -1.93
CA ASP C 97 -10.00 24.52 -2.83
C ASP C 97 -9.57 25.84 -2.19
N TYR C 98 -8.57 25.77 -1.32
CA TYR C 98 -8.17 26.94 -0.57
C TYR C 98 -6.70 27.33 -0.53
N GLY C 99 -6.48 28.54 -0.02
CA GLY C 99 -5.15 29.07 0.11
C GLY C 99 -5.09 29.91 1.36
N ILE C 100 -3.98 29.80 2.08
CA ILE C 100 -3.80 30.56 3.31
C ILE C 100 -2.90 31.79 3.05
N TYR C 101 -3.36 32.96 3.48
CA TYR C 101 -2.61 34.20 3.30
C TYR C 101 -2.51 34.98 4.59
N VAL C 102 -1.28 35.11 5.07
CA VAL C 102 -1.00 35.85 6.28
C VAL C 102 -0.54 37.26 5.82
N ILE C 103 -1.33 38.28 6.11
CA ILE C 103 -0.97 39.63 5.71
C ILE C 103 -0.19 40.29 6.83
N ASN C 104 1.13 40.26 6.72
CA ASN C 104 2.02 40.80 7.74
C ASN C 104 2.25 42.32 7.58
N GLN C 105 1.86 43.09 8.59
CA GLN C 105 2.05 44.54 8.53
C GLN C 105 3.51 44.93 8.70
N ALA C 106 4.08 45.49 7.64
CA ALA C 106 5.48 45.91 7.68
C ALA C 106 5.61 47.07 8.65
N GLY C 107 6.74 47.15 9.35
CA GLY C 107 6.96 48.25 10.27
C GLY C 107 6.46 48.11 11.69
N ASP C 108 6.45 49.23 12.41
CA ASP C 108 6.02 49.26 13.81
C ASP C 108 5.10 50.43 14.08
N THR C 109 4.35 50.79 13.05
CA THR C 109 3.37 51.86 13.12
C THR C 109 2.08 51.26 13.68
N ILE C 110 1.12 52.10 14.07
CA ILE C 110 -0.12 51.60 14.62
C ILE C 110 -0.76 50.54 13.69
N PHE C 111 -1.24 49.45 14.29
CA PHE C 111 -1.84 48.34 13.53
C PHE C 111 -3.14 48.75 12.84
N ASN C 112 -3.42 48.15 11.68
CA ASN C 112 -4.65 48.44 10.96
C ASN C 112 -5.25 47.13 10.42
N ARG C 113 -5.94 46.42 11.32
CA ARG C 113 -6.55 45.15 10.97
C ARG C 113 -7.31 45.15 9.65
N ALA C 114 -8.30 46.02 9.53
CA ALA C 114 -9.15 46.07 8.33
C ALA C 114 -8.45 46.33 7.00
N LYS C 115 -7.42 47.18 7.01
CA LYS C 115 -6.73 47.49 5.78
C LYS C 115 -5.89 46.29 5.35
N LEU C 116 -5.35 45.57 6.32
CA LEU C 116 -4.59 44.38 6.00
C LEU C 116 -5.53 43.37 5.35
N LEU C 117 -6.78 43.33 5.82
CA LEU C 117 -7.75 42.40 5.26
C LEU C 117 -8.03 42.77 3.80
N ASN C 118 -8.13 44.07 3.54
CA ASN C 118 -8.36 44.56 2.17
C ASN C 118 -7.20 44.15 1.28
N VAL C 119 -5.98 44.28 1.78
CA VAL C 119 -4.80 43.89 1.01
C VAL C 119 -4.90 42.41 0.66
N GLY C 120 -5.33 41.60 1.64
CA GLY C 120 -5.46 40.17 1.42
C GLY C 120 -6.36 39.83 0.25
N PHE C 121 -7.53 40.47 0.20
CA PHE C 121 -8.50 40.26 -0.87
C PHE C 121 -7.86 40.49 -2.24
N GLN C 122 -7.25 41.67 -2.41
CA GLN C 122 -6.60 42.06 -3.65
C GLN C 122 -5.47 41.13 -4.07
N GLU C 123 -4.52 40.92 -3.17
CA GLU C 123 -3.36 40.08 -3.46
C GLU C 123 -3.69 38.62 -3.71
N ALA C 124 -4.70 38.09 -3.01
CA ALA C 124 -5.04 36.68 -3.21
C ALA C 124 -5.62 36.52 -4.59
N LEU C 125 -6.40 37.51 -5.04
CA LEU C 125 -7.00 37.43 -6.36
C LEU C 125 -5.94 37.38 -7.48
N LYS C 126 -4.71 37.81 -7.16
CA LYS C 126 -3.64 37.78 -8.15
C LYS C 126 -3.07 36.37 -8.30
N ASP C 127 -3.31 35.53 -7.30
CA ASP C 127 -2.82 34.16 -7.34
C ASP C 127 -3.79 33.24 -8.05
N TYR C 128 -5.07 33.40 -7.75
CA TYR C 128 -6.06 32.46 -8.26
C TYR C 128 -7.44 33.09 -8.30
N ASP C 129 -8.33 32.51 -9.09
CA ASP C 129 -9.70 33.02 -9.19
C ASP C 129 -10.57 32.65 -7.99
N TYR C 130 -10.19 33.09 -6.80
CA TYR C 130 -10.97 32.80 -5.60
C TYR C 130 -12.30 33.54 -5.67
N THR C 131 -13.37 32.90 -5.21
CA THR C 131 -14.68 33.54 -5.22
C THR C 131 -15.25 33.67 -3.81
N CYS C 132 -14.43 33.32 -2.83
CA CYS C 132 -14.87 33.38 -1.44
C CYS C 132 -13.70 33.74 -0.56
N PHE C 133 -13.94 34.61 0.39
CA PHE C 133 -12.88 35.04 1.28
C PHE C 133 -13.28 34.89 2.74
N VAL C 134 -12.45 34.16 3.49
CA VAL C 134 -12.69 33.97 4.92
C VAL C 134 -11.68 34.89 5.61
N PHE C 135 -12.17 35.78 6.46
CA PHE C 135 -11.31 36.70 7.19
C PHE C 135 -11.22 36.22 8.63
N SER C 136 -10.03 35.78 9.05
CA SER C 136 -9.88 35.24 10.40
C SER C 136 -8.73 35.78 11.23
N ASP C 137 -9.03 36.12 12.47
CA ASP C 137 -7.98 36.56 13.38
C ASP C 137 -7.09 35.34 13.54
N VAL C 138 -5.83 35.57 13.86
CA VAL C 138 -4.84 34.49 13.98
C VAL C 138 -5.00 33.62 15.23
N ASP C 139 -5.84 34.07 16.16
CA ASP C 139 -5.99 33.37 17.42
C ASP C 139 -7.35 32.72 17.68
N LEU C 140 -8.12 32.48 16.62
CA LEU C 140 -9.43 31.86 16.76
C LEU C 140 -9.45 30.48 16.10
N ILE C 141 -9.75 29.45 16.89
CA ILE C 141 -9.77 28.07 16.41
C ILE C 141 -11.18 27.49 16.53
N PRO C 142 -11.77 27.01 15.42
CA PRO C 142 -13.12 26.44 15.46
C PRO C 142 -13.04 25.05 16.12
N MET C 143 -14.01 24.71 16.96
CA MET C 143 -13.97 23.41 17.63
C MET C 143 -14.80 22.33 16.93
N ASN C 144 -15.55 22.74 15.92
CA ASN C 144 -16.42 21.80 15.20
C ASN C 144 -16.28 21.98 13.68
N ASP C 145 -15.78 20.96 12.98
CA ASP C 145 -15.59 21.06 11.54
C ASP C 145 -16.85 21.13 10.71
N HIS C 146 -18.01 21.28 11.36
CA HIS C 146 -19.28 21.42 10.65
C HIS C 146 -19.50 22.93 10.46
N ASN C 147 -18.63 23.73 11.05
CA ASN C 147 -18.69 25.19 10.94
C ASN C 147 -17.95 25.45 9.62
N ALA C 148 -18.69 25.62 8.55
CA ALA C 148 -18.08 25.77 7.22
C ALA C 148 -17.28 27.04 7.01
N TYR C 149 -16.02 26.89 6.60
CA TYR C 149 -15.18 28.06 6.30
C TYR C 149 -15.27 28.41 4.82
N ARG C 150 -16.49 28.69 4.38
CA ARG C 150 -16.70 29.08 3.00
C ARG C 150 -17.89 30.02 2.98
N CYS C 151 -18.26 30.49 1.80
CA CYS C 151 -19.34 31.45 1.68
C CYS C 151 -20.76 30.94 1.48
N PHE C 152 -21.72 31.77 1.87
CA PHE C 152 -23.14 31.47 1.79
C PHE C 152 -23.87 32.57 0.98
N SER C 153 -25.18 32.40 0.77
CA SER C 153 -25.94 33.38 0.01
C SER C 153 -25.95 34.76 0.70
N GLN C 154 -25.60 34.80 1.98
CA GLN C 154 -25.53 36.04 2.73
C GLN C 154 -24.20 36.04 3.43
N PRO C 155 -23.69 37.24 3.81
CA PRO C 155 -22.40 37.31 4.51
C PRO C 155 -22.48 36.35 5.69
N ARG C 156 -21.38 35.65 5.97
CA ARG C 156 -21.36 34.66 7.04
C ARG C 156 -20.48 34.99 8.23
N HIS C 157 -21.07 34.97 9.43
CA HIS C 157 -20.30 35.21 10.64
C HIS C 157 -20.03 33.79 11.17
N ILE C 158 -18.76 33.41 11.24
CA ILE C 158 -18.30 32.08 11.63
C ILE C 158 -17.97 31.85 13.11
N SER C 159 -17.22 32.77 13.72
CA SER C 159 -16.85 32.65 15.13
C SER C 159 -18.01 33.15 16.01
N VAL C 160 -19.12 32.43 15.99
CA VAL C 160 -20.32 32.83 16.74
C VAL C 160 -20.34 32.54 18.25
N ALA C 161 -19.67 31.49 18.68
CA ALA C 161 -19.67 31.14 20.10
C ALA C 161 -18.25 31.02 20.64
N MET C 162 -17.63 32.16 20.93
CA MET C 162 -16.26 32.17 21.43
C MET C 162 -16.18 31.99 22.94
N ASP C 163 -15.26 31.15 23.40
CA ASP C 163 -15.12 30.96 24.83
C ASP C 163 -14.89 32.29 25.53
N LYS C 164 -14.04 33.13 24.94
CA LYS C 164 -13.73 34.42 25.56
C LYS C 164 -14.97 35.29 25.76
N PHE C 165 -16.05 34.96 25.07
CA PHE C 165 -17.29 35.69 25.22
C PHE C 165 -18.35 34.84 25.94
N GLY C 166 -17.87 33.83 26.67
CA GLY C 166 -18.77 32.95 27.38
C GLY C 166 -19.62 32.11 26.45
N PHE C 167 -18.99 31.60 25.39
CA PHE C 167 -19.63 30.75 24.40
C PHE C 167 -20.92 31.29 23.84
N SER C 168 -20.94 32.59 23.61
CA SER C 168 -22.12 33.24 23.06
C SER C 168 -21.69 34.51 22.31
N LEU C 169 -22.60 35.09 21.55
CA LEU C 169 -22.30 36.32 20.83
C LEU C 169 -22.25 37.46 21.85
N PRO C 170 -21.26 38.35 21.74
CA PRO C 170 -21.23 39.44 22.71
C PRO C 170 -22.43 40.35 22.49
N TYR C 171 -22.93 40.37 21.27
CA TYR C 171 -24.11 41.15 20.91
C TYR C 171 -24.54 40.69 19.52
N VAL C 172 -25.84 40.69 19.27
CA VAL C 172 -26.40 40.19 18.02
C VAL C 172 -25.81 40.72 16.72
N GLN C 173 -25.33 41.95 16.71
CA GLN C 173 -24.76 42.53 15.49
C GLN C 173 -23.25 42.40 15.42
N TYR C 174 -22.68 41.65 16.36
CA TYR C 174 -21.24 41.43 16.37
C TYR C 174 -20.82 40.65 15.12
N PHE C 175 -19.83 41.18 14.40
CA PHE C 175 -19.34 40.55 13.18
C PHE C 175 -17.83 40.36 13.19
N GLY C 176 -17.20 40.41 14.36
CA GLY C 176 -15.75 40.25 14.41
C GLY C 176 -15.26 38.80 14.53
N GLY C 177 -13.93 38.65 14.60
CA GLY C 177 -13.33 37.34 14.73
C GLY C 177 -13.11 36.59 13.43
N VAL C 178 -14.10 35.80 13.03
CA VAL C 178 -14.02 35.03 11.79
C VAL C 178 -15.31 35.23 11.01
N SER C 179 -15.15 35.51 9.71
CA SER C 179 -16.30 35.72 8.86
C SER C 179 -15.94 35.37 7.42
N ALA C 180 -16.97 35.20 6.59
CA ALA C 180 -16.76 34.88 5.18
C ALA C 180 -17.66 35.73 4.29
N LEU C 181 -17.11 36.24 3.21
CA LEU C 181 -17.86 37.06 2.26
C LEU C 181 -17.55 36.57 0.86
N SER C 182 -18.57 36.39 0.04
CA SER C 182 -18.34 35.97 -1.34
C SER C 182 -17.69 37.17 -2.02
N LYS C 183 -17.05 36.94 -3.16
CA LYS C 183 -16.39 38.04 -3.86
C LYS C 183 -17.39 39.15 -4.14
N GLN C 184 -18.60 38.80 -4.57
CA GLN C 184 -19.60 39.83 -4.85
C GLN C 184 -20.01 40.60 -3.61
N GLN C 185 -20.16 39.91 -2.48
CA GLN C 185 -20.56 40.58 -1.26
C GLN C 185 -19.52 41.59 -0.85
N PHE C 186 -18.26 41.19 -0.97
CA PHE C 186 -17.15 42.07 -0.62
C PHE C 186 -17.11 43.30 -1.56
N LEU C 187 -17.26 43.05 -2.84
CA LEU C 187 -17.23 44.12 -3.84
C LEU C 187 -18.42 45.05 -3.62
N THR C 188 -19.58 44.48 -3.35
CA THR C 188 -20.78 45.27 -3.15
C THR C 188 -20.68 46.33 -2.05
N ILE C 189 -19.88 46.07 -1.00
CA ILE C 189 -19.75 47.05 0.08
C ILE C 189 -18.48 47.88 -0.02
N ASN C 190 -17.81 47.80 -1.16
CA ASN C 190 -16.56 48.54 -1.40
C ASN C 190 -15.49 48.08 -0.43
N GLY C 191 -15.48 46.79 -0.13
CA GLY C 191 -14.50 46.26 0.79
C GLY C 191 -14.66 46.81 2.19
N PHE C 192 -13.59 46.73 2.95
CA PHE C 192 -13.57 47.20 4.32
C PHE C 192 -12.97 48.61 4.37
N PRO C 193 -13.23 49.34 5.46
CA PRO C 193 -12.70 50.71 5.61
C PRO C 193 -11.20 50.67 5.84
N ASN C 194 -10.49 51.70 5.36
CA ASN C 194 -9.04 51.76 5.51
C ASN C 194 -8.53 52.67 6.62
N ASN C 195 -9.43 53.45 7.22
CA ASN C 195 -9.02 54.38 8.27
C ASN C 195 -9.32 54.06 9.73
N TYR C 196 -9.41 52.78 10.06
CA TYR C 196 -9.62 52.40 11.45
C TYR C 196 -8.26 51.94 11.95
N TRP C 197 -7.53 52.86 12.57
CA TRP C 197 -6.20 52.55 13.08
C TRP C 197 -6.29 52.19 14.56
N GLY C 198 -5.62 51.11 14.96
CA GLY C 198 -5.68 50.68 16.33
C GLY C 198 -6.94 49.86 16.57
N TRP C 199 -7.00 49.16 17.69
CA TRP C 199 -8.13 48.30 18.07
C TRP C 199 -9.53 48.93 18.10
N GLY C 200 -10.52 48.15 17.65
CA GLY C 200 -11.90 48.60 17.73
C GLY C 200 -12.70 49.17 16.56
N GLY C 201 -13.99 48.86 16.60
CA GLY C 201 -14.96 49.33 15.63
C GLY C 201 -14.94 49.03 14.14
N GLU C 202 -13.83 48.55 13.59
CA GLU C 202 -13.80 48.29 12.15
C GLU C 202 -14.76 47.15 11.76
N ASP C 203 -15.00 46.23 12.69
CA ASP C 203 -15.92 45.13 12.42
C ASP C 203 -17.38 45.59 12.44
N ASP C 204 -17.70 46.58 13.28
CA ASP C 204 -19.06 47.10 13.33
C ASP C 204 -19.30 47.91 12.06
N ASP C 205 -18.26 48.58 11.58
CA ASP C 205 -18.36 49.38 10.36
C ASP C 205 -18.73 48.41 9.23
N ILE C 206 -18.01 47.30 9.15
CA ILE C 206 -18.27 46.29 8.12
C ILE C 206 -19.70 45.79 8.24
N PHE C 207 -20.16 45.60 9.47
CA PHE C 207 -21.54 45.17 9.68
C PHE C 207 -22.49 46.20 9.06
N ASN C 208 -22.27 47.48 9.39
CA ASN C 208 -23.10 48.56 8.86
C ASN C 208 -23.08 48.56 7.33
N ARG C 209 -21.92 48.32 6.74
CA ARG C 209 -21.84 48.30 5.29
C ARG C 209 -22.76 47.23 4.72
N LEU C 210 -22.66 46.02 5.25
CA LEU C 210 -23.48 44.90 4.78
C LEU C 210 -24.95 45.23 4.93
N VAL C 211 -25.31 45.72 6.11
CA VAL C 211 -26.71 46.08 6.37
C VAL C 211 -27.15 47.18 5.41
N PHE C 212 -26.30 48.17 5.22
CA PHE C 212 -26.62 49.27 4.32
C PHE C 212 -26.71 48.80 2.87
N ARG C 213 -26.22 47.59 2.57
CA ARG C 213 -26.28 47.07 1.20
C ARG C 213 -27.40 46.05 1.06
N GLY C 214 -28.29 46.00 2.05
CA GLY C 214 -29.40 45.07 1.98
C GLY C 214 -29.14 43.62 2.36
N MET C 215 -27.99 43.36 3.00
CA MET C 215 -27.66 42.00 3.40
C MET C 215 -27.89 41.75 4.89
N SER C 216 -27.91 40.47 5.27
CA SER C 216 -28.10 40.04 6.66
C SER C 216 -27.00 39.06 7.03
N ILE C 217 -26.74 38.91 8.32
CA ILE C 217 -25.69 38.00 8.76
C ILE C 217 -26.16 36.56 8.91
N SER C 218 -25.46 35.64 8.25
CA SER C 218 -25.77 34.21 8.31
C SER C 218 -24.85 33.59 9.36
N ARG C 219 -25.38 32.69 10.17
CA ARG C 219 -24.56 32.07 11.21
C ARG C 219 -24.94 30.63 11.48
N PRO C 220 -23.97 29.79 11.85
CA PRO C 220 -24.28 28.39 12.15
C PRO C 220 -24.87 28.46 13.57
N ASN C 221 -25.30 27.34 14.15
CA ASN C 221 -25.85 27.43 15.51
C ASN C 221 -24.70 27.61 16.50
N ALA C 222 -25.03 28.00 17.73
CA ALA C 222 -24.03 28.22 18.76
C ALA C 222 -23.10 27.04 19.03
N VAL C 223 -23.63 25.82 19.01
CA VAL C 223 -22.82 24.64 19.26
C VAL C 223 -21.80 24.40 18.14
N VAL C 224 -22.29 24.37 16.90
CA VAL C 224 -21.40 24.16 15.77
C VAL C 224 -20.39 25.33 15.66
N GLY C 225 -20.85 26.53 15.99
CA GLY C 225 -20.00 27.70 15.90
C GLY C 225 -19.12 27.97 17.10
N THR C 226 -18.95 26.95 17.95
CA THR C 226 -18.12 27.08 19.14
C THR C 226 -16.67 27.28 18.70
N THR C 227 -16.04 28.32 19.23
CA THR C 227 -14.66 28.67 18.87
C THR C 227 -13.77 28.98 20.06
N ARG C 228 -12.51 28.54 19.98
CA ARG C 228 -11.53 28.77 21.03
C ARG C 228 -10.55 29.92 20.70
N HIS C 229 -10.44 30.86 21.62
CA HIS C 229 -9.56 32.01 21.44
C HIS C 229 -8.30 31.87 22.29
N ILE C 230 -7.14 31.81 21.64
CA ILE C 230 -5.88 31.69 22.37
C ILE C 230 -5.74 32.92 23.27
N ARG C 231 -5.87 32.75 24.57
CA ARG C 231 -5.75 33.88 25.49
C ARG C 231 -4.40 34.60 25.32
N HIS C 232 -4.44 35.94 25.32
CA HIS C 232 -3.21 36.72 25.14
C HIS C 232 -3.32 38.15 25.69
N SER C 233 -2.18 38.75 25.97
CA SER C 233 -2.15 40.12 26.49
C SER C 233 -2.17 41.13 25.34
N ARG C 234 -2.37 42.41 25.68
CA ARG C 234 -2.41 43.46 24.68
C ARG C 234 -1.15 43.57 23.84
N ASP C 235 -1.32 43.87 22.55
CA ASP C 235 -0.19 44.04 21.66
C ASP C 235 0.10 45.53 21.76
N LYS C 236 1.37 45.91 21.73
CA LYS C 236 1.67 47.32 21.78
C LYS C 236 1.44 47.80 20.36
N LYS C 237 1.11 49.08 20.21
CA LYS C 237 0.85 49.67 18.90
C LYS C 237 -0.50 49.32 18.27
N ASN C 238 -1.46 48.93 19.11
CA ASN C 238 -2.81 48.63 18.63
C ASN C 238 -3.82 49.07 19.68
N GLU C 239 -3.59 50.26 20.23
CA GLU C 239 -4.43 50.85 21.25
C GLU C 239 -5.83 51.17 20.74
N PRO C 240 -6.85 51.06 21.61
CA PRO C 240 -8.24 51.35 21.26
C PRO C 240 -8.36 52.69 20.57
N ASN C 241 -8.92 52.68 19.37
CA ASN C 241 -9.09 53.89 18.58
C ASN C 241 -10.19 54.78 19.17
N PRO C 242 -9.79 55.90 19.80
CA PRO C 242 -10.71 56.85 20.43
C PRO C 242 -11.84 57.35 19.52
N GLN C 243 -11.57 57.42 18.22
CA GLN C 243 -12.58 57.91 17.29
C GLN C 243 -13.37 56.81 16.59
N ARG C 244 -13.25 55.58 17.06
CA ARG C 244 -13.96 54.46 16.45
C ARG C 244 -15.48 54.63 16.54
N PHE C 245 -15.98 55.03 17.70
CA PHE C 245 -17.42 55.22 17.87
C PHE C 245 -17.96 56.20 16.84
N ASP C 246 -17.25 57.32 16.68
CA ASP C 246 -17.68 58.33 15.73
C ASP C 246 -17.69 57.83 14.30
N ARG C 247 -16.68 57.04 13.94
CA ARG C 247 -16.58 56.51 12.59
C ARG C 247 -17.72 55.56 12.19
N ILE C 248 -18.10 54.64 13.07
CA ILE C 248 -19.18 53.72 12.73
C ILE C 248 -20.52 54.43 12.60
N ALA C 249 -20.60 55.64 13.13
CA ALA C 249 -21.83 56.42 13.07
C ALA C 249 -22.06 56.98 11.66
N HIS C 250 -20.98 57.13 10.89
CA HIS C 250 -21.10 57.68 9.54
C HIS C 250 -20.76 56.67 8.44
N THR C 251 -20.68 55.39 8.81
CA THR C 251 -20.36 54.36 7.84
C THR C 251 -21.09 54.49 6.50
N LYS C 252 -22.40 54.71 6.53
CA LYS C 252 -23.18 54.82 5.30
C LYS C 252 -22.62 55.82 4.29
N GLU C 253 -22.06 56.92 4.77
CA GLU C 253 -21.51 57.94 3.88
C GLU C 253 -20.06 57.67 3.51
N THR C 254 -19.26 57.35 4.52
CA THR C 254 -17.84 57.11 4.31
C THR C 254 -17.47 55.83 3.55
N MET C 255 -18.41 54.88 3.41
CA MET C 255 -18.11 53.65 2.71
C MET C 255 -18.10 53.85 1.20
N LEU C 256 -18.89 54.82 0.75
CA LEU C 256 -18.98 55.13 -0.66
C LEU C 256 -17.63 55.52 -1.25
N SER C 257 -16.83 56.23 -0.46
CA SER C 257 -15.52 56.70 -0.91
C SER C 257 -14.32 56.14 -0.17
N ASP C 258 -14.55 55.27 0.80
CA ASP C 258 -13.43 54.69 1.53
C ASP C 258 -13.49 53.18 1.58
N GLY C 259 -12.49 52.54 1.00
CA GLY C 259 -12.44 51.10 0.99
C GLY C 259 -11.57 50.60 -0.12
N LEU C 260 -12.06 49.59 -0.82
CA LEU C 260 -11.33 48.98 -1.92
C LEU C 260 -10.94 50.04 -2.96
N ASN C 261 -11.88 50.92 -3.28
CA ASN C 261 -11.64 51.97 -4.26
C ASN C 261 -10.71 53.08 -3.81
N SER C 262 -10.18 53.01 -2.59
CA SER C 262 -9.26 54.03 -2.11
C SER C 262 -8.07 53.37 -1.47
N LEU C 263 -8.03 52.04 -1.59
CA LEU C 263 -6.96 51.25 -1.03
C LEU C 263 -5.58 51.52 -1.63
N THR C 264 -4.62 51.84 -0.77
CA THR C 264 -3.26 52.09 -1.22
C THR C 264 -2.30 51.33 -0.30
N TYR C 265 -1.30 50.70 -0.89
CA TYR C 265 -0.34 49.94 -0.10
C TYR C 265 0.80 49.46 -1.00
N GLN C 266 1.88 48.97 -0.41
CA GLN C 266 2.97 48.46 -1.23
C GLN C 266 3.49 47.12 -0.71
N VAL C 267 3.35 46.08 -1.53
CA VAL C 267 3.83 44.77 -1.11
C VAL C 267 5.34 44.80 -1.13
N LEU C 268 5.96 44.35 -0.06
CA LEU C 268 7.41 44.36 -0.01
C LEU C 268 7.97 42.97 -0.20
N ASP C 269 7.21 41.97 0.24
CA ASP C 269 7.68 40.60 0.15
C ASP C 269 6.55 39.56 0.20
N VAL C 270 6.69 38.51 -0.59
CA VAL C 270 5.70 37.44 -0.62
C VAL C 270 6.47 36.14 -0.42
N GLN C 271 6.31 35.52 0.74
CA GLN C 271 7.00 34.27 1.02
C GLN C 271 6.06 33.09 0.87
N ARG C 272 6.50 32.09 0.11
CA ARG C 272 5.71 30.90 -0.09
C ARG C 272 6.20 29.83 0.88
N TYR C 273 5.71 29.84 2.11
CA TYR C 273 6.12 28.81 3.07
C TYR C 273 5.32 27.53 2.78
N PRO C 274 5.76 26.39 3.32
CA PRO C 274 5.01 25.15 3.06
C PRO C 274 3.51 25.23 3.40
N LEU C 275 3.18 25.81 4.56
CA LEU C 275 1.79 25.90 5.01
C LEU C 275 1.01 27.19 4.82
N TYR C 276 1.65 28.20 4.24
CA TYR C 276 0.96 29.45 4.05
C TYR C 276 1.79 30.44 3.25
N THR C 277 1.11 31.44 2.70
CA THR C 277 1.79 32.48 1.95
C THR C 277 1.74 33.72 2.83
N GLN C 278 2.91 34.27 3.14
CA GLN C 278 2.95 35.48 3.95
C GLN C 278 3.27 36.69 3.07
N ILE C 279 2.38 37.69 3.10
CA ILE C 279 2.55 38.90 2.32
C ILE C 279 2.88 40.05 3.29
N THR C 280 4.14 40.47 3.30
CA THR C 280 4.57 41.56 4.15
C THR C 280 4.29 42.82 3.34
N VAL C 281 3.46 43.70 3.89
CA VAL C 281 3.07 44.90 3.17
C VAL C 281 3.13 46.20 3.96
N ASP C 282 3.41 47.28 3.23
CA ASP C 282 3.47 48.61 3.83
C ASP C 282 2.10 49.22 3.59
N ILE C 283 1.31 49.36 4.65
CA ILE C 283 -0.02 49.94 4.53
C ILE C 283 -0.04 51.40 4.99
N GLY C 284 1.14 51.89 5.34
CA GLY C 284 1.25 53.29 5.76
C GLY C 284 0.97 53.63 7.21
N THR C 285 0.61 54.90 7.41
CA THR C 285 0.32 55.45 8.73
C THR C 285 -0.91 56.35 8.64
N PRO C 286 -1.52 56.66 9.78
CA PRO C 286 -2.71 57.52 9.76
C PRO C 286 -2.39 58.94 9.26
N SER C 287 -3.36 59.55 8.60
CA SER C 287 -3.19 60.90 8.07
C SER C 287 -2.85 61.90 9.18
C1 MAN D . 28.82 -7.80 -3.45
C2 MAN D . 28.92 -7.74 -5.03
C3 MAN D . 29.14 -6.27 -5.50
C4 MAN D . 27.95 -5.41 -5.02
C5 MAN D . 27.94 -5.48 -3.44
C6 MAN D . 26.80 -4.68 -2.82
O1 MAN D . 30.05 -7.40 -2.79
O2 MAN D . 27.65 -8.19 -5.61
O3 MAN D . 29.22 -6.25 -6.92
O4 MAN D . 28.12 -4.06 -5.45
O5 MAN D . 27.78 -6.86 -2.98
O6 MAN D . 26.90 -4.83 -1.39
C1 NAG D . 27.52 -9.62 -5.68
C2 NAG D . 26.14 -9.95 -6.27
C3 NAG D . 26.01 -11.47 -6.35
C4 NAG D . 27.14 -12.01 -7.27
C5 NAG D . 28.52 -11.64 -6.65
C6 NAG D . 29.67 -12.13 -7.54
C7 NAG D . 24.38 -8.29 -5.68
C8 NAG D . 23.34 -7.89 -4.60
N2 NAG D . 25.07 -9.39 -5.39
O3 NAG D . 24.74 -11.78 -6.91
O4 NAG D . 27.07 -13.43 -7.35
O5 NAG D . 28.58 -10.19 -6.55
O6 NAG D . 29.57 -11.58 -8.87
O7 NAG D . 24.54 -7.61 -6.70
C1 MAN E . -21.30 5.12 -16.11
C2 MAN E . -21.63 5.36 -17.68
C3 MAN E . -22.61 4.21 -18.17
C4 MAN E . -21.89 2.83 -18.01
C5 MAN E . -21.58 2.63 -16.42
C6 MAN E . -20.86 1.29 -16.19
O1 MAN E . -20.42 6.12 -15.65
O2 MAN E . -20.39 5.32 -18.43
O3 MAN E . -22.91 4.42 -19.58
O4 MAN E . -22.78 1.76 -18.48
O5 MAN E . -20.69 3.75 -15.95
O6 MAN E . -19.44 1.48 -16.48
C1 MAN E . -18.71 0.25 -16.29
C2 MAN E . -17.14 0.48 -16.18
C3 MAN E . -16.58 1.09 -17.55
C4 MAN E . -16.86 0.04 -18.71
C5 MAN E . -18.43 -0.08 -18.80
C6 MAN E . -18.83 -1.06 -19.89
O2 MAN E . -16.52 -0.86 -15.96
O3 MAN E . -15.16 1.29 -17.42
O4 MAN E . -16.35 0.54 -19.97
O5 MAN E . -18.97 -0.59 -17.50
O6 MAN E . -20.26 -1.12 -19.91
C1 NAG E . -16.57 -1.34 -14.60
C2 NAG E . -15.91 -2.75 -14.56
C3 NAG E . -15.95 -3.28 -13.10
C4 NAG E . -15.16 -2.30 -12.21
C5 NAG E . -15.86 -0.87 -12.29
C6 NAG E . -15.09 0.17 -11.42
C7 NAG E . -16.28 -4.00 -16.66
C8 NAG E . -17.21 -4.97 -17.39
N2 NAG E . -16.66 -3.68 -15.45
O3 NAG E . -15.32 -4.58 -13.05
O4 NAG E . -15.17 -2.75 -10.89
O5 NAG E . -15.83 -0.43 -13.71
O6 NAG E . -13.77 0.45 -11.93
O7 NAG E . -15.26 -3.57 -17.21
C1 MAN F . -20.03 47.22 22.00
C2 MAN F . -18.63 46.63 22.41
C3 MAN F . -18.26 47.12 23.84
C4 MAN F . -18.18 48.68 23.82
C5 MAN F . -19.60 49.21 23.44
C6 MAN F . -19.64 50.74 23.37
O1 MAN F . -21.10 46.73 22.86
O2 MAN F . -17.61 47.11 21.49
O3 MAN F . -17.00 46.58 24.20
O4 MAN F . -17.82 49.17 25.12
O5 MAN F . -20.00 48.70 22.11
O6 MAN F . -20.99 51.14 23.03
C1 NAG F . -17.25 46.15 20.47
C2 NAG F . -16.17 46.77 19.56
C3 NAG F . -15.80 45.73 18.47
C4 NAG F . -15.25 44.46 19.17
C5 NAG F . -16.38 43.88 20.09
C6 NAG F . -15.89 42.61 20.83
C7 NAG F . -16.38 49.26 19.30
C8 NAG F . -17.07 50.35 18.48
N2 NAG F . -16.70 48.01 18.92
O3 NAG F . -14.79 46.29 17.63
O4 NAG F . -14.90 43.47 18.18
O5 NAG F . -16.75 44.90 21.08
O6 NAG F . -14.75 42.89 21.64
O7 NAG F . -15.61 49.53 20.23
MN MN G . 29.19 -17.32 -15.73
S SO4 H . 41.27 -22.57 -21.54
O1 SO4 H . 40.02 -22.47 -22.55
O2 SO4 H . 41.05 -23.80 -20.79
O3 SO4 H . 42.41 -22.60 -22.20
O4 SO4 H . 41.08 -21.44 -20.68
S SO4 I . 30.54 -48.91 -11.63
O1 SO4 I . 30.84 -47.39 -12.05
O2 SO4 I . 29.31 -49.24 -12.32
O3 SO4 I . 31.54 -49.68 -11.98
O4 SO4 I . 30.28 -48.84 -10.22
S SO4 J . 35.51 -30.91 4.66
O1 SO4 J . 34.16 -30.25 5.29
O2 SO4 J . 35.35 -32.34 4.88
O3 SO4 J . 35.62 -30.60 3.39
O4 SO4 J . 36.54 -30.41 5.52
S SO4 K . 31.15 -15.94 -25.52
O1 SO4 K . 31.06 -15.12 -26.92
O2 SO4 K . 31.64 -17.26 -25.89
O3 SO4 K . 31.92 -15.30 -24.68
O4 SO4 K . 29.76 -16.06 -25.13
N1 UDH L . 22.37 -18.72 -17.54
C2 UDH L . 22.02 -19.37 -18.74
N3 UDH L . 21.65 -18.53 -19.77
C4 UDH L . 21.59 -17.12 -19.73
C5 UDH L . 21.97 -16.53 -18.47
C6 UDH L . 22.33 -17.30 -17.45
O2 UDH L . 22.05 -20.61 -18.79
O4 UDH L . 21.24 -16.50 -20.71
C1B UDH L . 22.77 -19.62 -16.37
C2B UDH L . 24.03 -20.41 -16.45
O2' UDH L . 23.97 -21.65 -15.73
C3B UDH L . 24.98 -19.39 -15.87
C4B UDH L . 24.24 -18.89 -14.66
O4' UDH L . 22.92 -18.73 -15.27
O3' UDH L . 26.26 -19.93 -15.53
C5B UDH L . 24.85 -17.60 -14.18
O5' UDH L . 24.76 -16.51 -15.09
PA UDH L . 26.08 -15.89 -15.76
O1A UDH L . 27.01 -16.99 -16.12
O2A UDH L . 25.84 -14.94 -16.85
O3A UDH L . 26.67 -15.03 -14.48
PB UDH L . 28.13 -14.51 -14.32
O1B UDH L . 27.98 -13.69 -12.96
O2B UDH L . 28.31 -13.55 -15.47
O3B UDH L . 29.11 -15.60 -14.59
C1' UDH L . 27.44 -12.41 -15.72
C2' UDH L . 27.80 -11.99 -17.16
C3' UDH L . 29.04 -11.10 -16.97
C4' UDH L . 29.89 -11.38 -18.21
C5' UDH L . 30.59 -10.04 -18.47
C6' UDH L . 31.76 -10.41 -19.37
N6' UDH L . 32.70 -9.39 -19.11
C1 GOL M . 24.13 -13.48 -10.10
O1 GOL M . 22.82 -13.72 -10.63
C2 GOL M . 25.12 -14.66 -10.18
O2 GOL M . 25.78 -14.80 -11.40
C3 GOL M . 24.43 -15.96 -9.90
O3 GOL M . 24.25 -16.00 -8.52
MN MN N . -7.01 -0.91 -6.09
S SO4 O . -28.47 0.41 7.04
O1 SO4 O . -29.53 1.63 6.90
O2 SO4 O . -28.83 -0.51 5.98
O3 SO4 O . -27.24 0.88 6.92
O4 SO4 O . -28.79 -0.17 8.32
S SO4 P . -2.32 9.79 2.12
O1 SO4 P . -3.44 8.92 2.89
O2 SO4 P . -2.99 10.29 0.94
O3 SO4 P . -1.87 10.73 2.91
O4 SO4 P . -1.35 8.79 1.73
S SO4 Q . -12.82 -7.42 24.60
O1 SO4 Q . -14.24 -8.09 24.21
O2 SO4 Q . -12.61 -6.41 23.59
O3 SO4 Q . -12.87 -6.91 25.81
O4 SO4 Q . -11.89 -8.49 24.42
S SO4 R . 2.79 2.07 -5.97
O1 SO4 R . 2.90 0.50 -5.56
O2 SO4 R . 2.85 2.79 -4.71
O3 SO4 R . 3.75 2.39 -6.79
O4 SO4 R . 1.47 2.16 -6.50
S SO4 S . 5.93 -6.49 10.07
O1 SO4 S . 4.95 -5.27 9.62
O2 SO4 S . 5.34 -7.68 9.48
O3 SO4 S . 7.14 -6.25 9.65
O4 SO4 S . 5.76 -6.56 11.49
S SO4 T . 0.52 2.96 -13.99
O1 SO4 T . 0.36 1.36 -13.76
O2 SO4 T . 1.96 3.16 -14.13
O3 SO4 T . -0.16 3.34 -15.04
O4 SO4 T . 0.09 3.50 -12.72
N1 UDH U . -4.92 -7.76 -6.33
C2 UDH U . -3.71 -8.20 -5.70
N3 UDH U . -2.62 -8.25 -6.51
C4 UDH U . -2.56 -7.94 -7.88
C5 UDH U . -3.82 -7.50 -8.47
C6 UDH U . -4.92 -7.43 -7.71
O2 UDH U . -3.74 -8.49 -4.50
O4 UDH U . -1.52 -8.06 -8.47
C1B UDH U . -6.14 -7.70 -5.43
C2B UDH U . -6.17 -6.66 -4.34
O2' UDH U . -6.95 -7.08 -3.20
C3B UDH U . -6.75 -5.51 -5.12
C4B UDH U . -7.90 -6.16 -5.88
O4' UDH U . -7.21 -7.38 -6.31
O3' UDH U . -7.16 -4.39 -4.29
C5B UDH U . -8.32 -5.29 -7.02
O5' UDH U . -7.29 -5.02 -7.97
PA UDH U . -6.75 -3.54 -8.20
O1A UDH U . -6.52 -2.88 -6.88
O2A UDH U . -5.60 -3.43 -9.10
O3A UDH U . -8.08 -2.86 -8.94
PB UDH U . -8.30 -1.31 -9.13
O1B UDH U . -9.65 -1.32 -10.00
O2B UDH U . -7.14 -0.87 -9.99
O3B UDH U . -8.10 -0.59 -7.85
C1' UDH U . -6.86 -1.44 -11.29
C2' UDH U . -6.07 -0.36 -12.06
C3' UDH U . -7.12 0.36 -12.98
C4' UDH U . -7.73 -0.70 -13.97
C5' UDH U . -6.65 -0.93 -15.05
C6' UDH U . -6.53 -2.47 -15.06
N6' UDH U . -5.25 -2.73 -14.50
C1 GOL V . -11.82 -5.33 -11.38
O1 GOL V . -11.54 -6.73 -11.29
C2 GOL V . -12.23 -4.61 -10.06
O2 GOL V . -11.26 -3.71 -9.55
C3 GOL V . -12.53 -5.62 -9.00
O3 GOL V . -13.89 -5.90 -9.12
C1 GOL W . -30.28 -3.97 -7.48
O1 GOL W . -30.65 -3.62 -6.15
C2 GOL W . -31.38 -3.91 -8.57
O2 GOL W . -30.89 -3.56 -9.86
C3 GOL W . -32.44 -2.90 -8.18
O3 GOL W . -33.62 -3.61 -7.94
C1 GOL X . 5.39 -13.32 -2.75
O1 GOL X . 5.53 -12.82 -4.08
C2 GOL X . 3.95 -13.50 -2.27
O2 GOL X . 3.56 -14.87 -2.19
C3 GOL X . 3.00 -12.78 -3.21
O3 GOL X . 1.85 -12.48 -2.50
C1 GOL Y . -10.79 -19.02 -19.53
O1 GOL Y . -9.72 -19.53 -20.34
C2 GOL Y . -11.57 -20.09 -18.73
O2 GOL Y . -10.76 -20.88 -17.89
C3 GOL Y . -12.34 -21.01 -19.66
O3 GOL Y . -13.63 -20.44 -19.85
C1 GOL Z . 1.10 2.99 13.47
O1 GOL Z . 0.73 3.49 12.17
C2 GOL Z . 2.60 2.74 13.69
O2 GOL Z . 3.41 3.87 13.39
C3 GOL Z . 3.06 1.59 12.82
O3 GOL Z . 2.64 0.40 13.43
MN MN AA . -7.26 38.07 20.11
S SO4 BA . -6.56 14.45 -1.11
O1 SO4 BA . -7.72 14.96 -2.10
O2 SO4 BA . -6.63 13.00 -1.15
O3 SO4 BA . -5.40 14.90 -1.49
O4 SO4 BA . -7.02 14.89 0.18
S SO4 CA . -5.11 25.51 27.07
O1 SO4 CA . -6.44 26.43 27.06
O2 SO4 CA . -5.58 24.16 27.36
O3 SO4 CA . -4.49 25.58 25.94
O4 SO4 CA . -4.39 26.01 28.21
S SO4 DA . 1.10 36.70 25.33
O1 SO4 DA . 1.00 36.20 23.78
O2 SO4 DA . 1.25 35.47 26.12
O3 SO4 DA . 2.10 37.52 25.47
O4 SO4 DA . -0.21 37.25 25.59
S SO4 EA . -2.21 43.30 29.24
O1 SO4 EA . -3.56 42.41 29.05
O2 SO4 EA . -1.24 42.38 29.83
O3 SO4 EA . -1.82 43.80 28.10
O4 SO4 EA . -2.60 44.28 30.23
N1 UDH FA . -3.11 41.31 15.18
C2 UDH FA . -1.78 40.86 15.01
N3 UDH FA . -0.83 41.59 15.71
C4 UDH FA . -1.07 42.70 16.56
C5 UDH FA . -2.44 43.08 16.69
C6 UDH FA . -3.38 42.41 16.04
O2 UDH FA . -1.56 39.91 14.28
O4 UDH FA . -0.14 43.26 17.11
C1B UDH FA . -4.20 40.55 14.44
C2B UDH FA . -4.46 39.11 14.78
O2' UDH FA . -4.93 38.33 13.65
C3B UDH FA . -5.47 39.28 15.88
C4B UDH FA . -6.38 40.36 15.34
O4' UDH FA . -5.39 41.24 14.75
O3' UDH FA . -6.19 38.10 16.20
C5B UDH FA . -7.17 40.95 16.49
O5' UDH FA . -6.40 41.64 17.48
PA UDH FA . -6.39 41.18 19.01
O1A UDH FA . -6.13 39.74 19.07
O2A UDH FA . -5.48 41.94 19.90
O3A UDH FA . -7.93 41.57 19.45
PB UDH FA . -8.65 41.03 20.73
O1B UDH FA . -10.00 41.85 20.63
O2B UDH FA . -7.78 41.51 21.85
O3B UDH FA . -8.50 39.52 20.77
C1' UDH FA . -7.73 42.88 22.33
C2' UDH FA . -6.29 43.07 22.87
C3' UDH FA . -6.07 41.97 23.94
C4' UDH FA . -6.53 42.59 25.26
C5' UDH FA . -6.01 41.60 26.31
C6' UDH FA . -6.86 41.92 27.56
N6' UDH FA . -6.25 41.15 28.58
C1 DIO GA . -7.63 58.79 9.50
C2 DIO GA . -8.73 59.16 7.36
C1' DIO GA . -6.43 58.13 8.77
C2' DIO GA . -7.52 58.50 6.63
O1 DIO GA . -8.32 59.72 8.64
O1' DIO GA . -6.31 58.62 7.42
C1 GOL HA . -11.38 45.02 17.23
O1 GOL HA . -10.52 45.72 16.32
C2 GOL HA . -11.29 43.49 17.20
O2 GOL HA . -10.17 42.96 17.88
C3 GOL HA . -11.24 43.00 15.78
O3 GOL HA . -12.52 43.16 15.24
#